data_7C6Z
#
_entry.id   7C6Z
#
_cell.length_a   55.260
_cell.length_b   97.790
_cell.length_c   66.610
_cell.angle_alpha   90.000
_cell.angle_beta   103.420
_cell.angle_gamma   90.000
#
_symmetry.space_group_name_H-M   'P 1 21 1'
#
loop_
_entity.id
_entity.type
_entity.pdbx_description
1 polymer 'Sugar ABC transporter, periplasmic sugar-binding protein'
2 non-polymer 'CHLORIDE ION'
3 non-polymer 'CARBON DIOXIDE'
4 non-polymer 'SULFITE ION'
5 non-polymer 1,2-ETHANEDIOL
6 non-polymer DI(HYDROXYETHYL)ETHER
7 non-polymer 'TRIETHYLENE GLYCOL'
8 non-polymer 'SULFUR DIOXIDE'
9 non-polymer 'PHOSPHATE ION'
10 water water
#
_entity_poly.entity_id   1
_entity_poly.type   'polypeptide(L)'
_entity_poly.pdbx_seq_one_letter_code
;MQKTLEVWIMPNSPQPAEDFKALVAPFEKAHGVEVKVTVLDWGVAWTKITTAATSGVGPDLTQLGTTAVGAISAMGVLEP
VDDVLEALGGEKAYLPAVWRTTRLEGARQATAVPWFSELRAFYYRTDALKAAGVNPAEMFASWQGFEAGLARLKASSFRD
PETKAPLAPLCTPGKNSWDVLHNAAPWIWGAGGEIVRQAGGRWQSALNSPESLEGLYFFLSLAQKGYVPAESLEKNTAQI
EADFQAGKCAVFASGPWMIQRAQVPEAKGGFAERTAAKNLGVAPYPAGPKGRYTFFGGSNLALFNFSKNKPLAKELLKYL
GGPEAQVRYAQMTGMLPALRSAWSDPSFQQNPLLRTFIQAAQFGRTYPSLAGWGGVENLAVQHLGMAWDLVAQGRLTREA
LKDLMDKASAAINQALRHHHHHH
;
_entity_poly.pdbx_strand_id   A,B
#
# COMPACT_ATOMS: atom_id res chain seq x y z
N LYS A 3 4.44 26.77 -17.44
CA LYS A 3 3.95 25.95 -18.56
C LYS A 3 3.69 24.50 -18.08
N THR A 4 4.31 23.98 -17.00
CA THR A 4 3.94 22.65 -16.41
C THR A 4 3.59 22.77 -14.93
N LEU A 5 2.65 21.93 -14.47
CA LEU A 5 2.35 21.75 -13.03
C LEU A 5 2.68 20.31 -12.70
N GLU A 6 3.24 20.08 -11.54
CA GLU A 6 3.50 18.71 -11.08
C GLU A 6 2.49 18.40 -9.99
N VAL A 7 1.78 17.30 -10.14
CA VAL A 7 0.73 16.87 -9.18
C VAL A 7 1.05 15.44 -8.78
N TRP A 8 1.10 15.15 -7.48
CA TRP A 8 1.17 13.77 -6.97
C TRP A 8 -0.20 13.32 -6.48
N ILE A 9 -0.60 12.15 -6.94
CA ILE A 9 -1.85 11.51 -6.49
C ILE A 9 -1.56 10.11 -6.03
N MET A 10 -2.52 9.52 -5.34
CA MET A 10 -2.48 8.09 -5.02
C MET A 10 -3.37 7.32 -6.01
N PRO A 11 -3.35 5.97 -5.94
CA PRO A 11 -4.06 5.16 -6.92
C PRO A 11 -5.58 5.11 -6.72
N ASN A 12 -6.32 6.17 -7.02
CA ASN A 12 -7.71 6.36 -6.53
C ASN A 12 -8.69 5.65 -7.47
N SER A 13 -8.25 5.40 -8.71
CA SER A 13 -9.14 4.85 -9.76
C SER A 13 -8.46 3.67 -10.44
N PRO A 14 -9.18 2.95 -11.31
CA PRO A 14 -8.61 1.73 -11.93
C PRO A 14 -7.38 1.97 -12.81
N GLN A 15 -7.26 3.12 -13.45
CA GLN A 15 -6.07 3.50 -14.26
C GLN A 15 -5.61 4.86 -13.78
N PRO A 16 -4.91 4.95 -12.64
CA PRO A 16 -4.79 6.22 -11.92
C PRO A 16 -4.24 7.36 -12.76
N ALA A 17 -3.12 7.17 -13.48
CA ALA A 17 -2.58 8.30 -14.28
C ALA A 17 -3.48 8.60 -15.49
N GLU A 18 -3.96 7.60 -16.21
CA GLU A 18 -4.81 7.81 -17.44
C GLU A 18 -6.10 8.54 -17.07
N ASP A 19 -6.72 8.11 -15.96
CA ASP A 19 -8.00 8.70 -15.47
C ASP A 19 -7.80 10.15 -15.14
N PHE A 20 -6.74 10.44 -14.39
CA PHE A 20 -6.45 11.81 -13.94
C PHE A 20 -6.12 12.67 -15.15
N LYS A 21 -5.30 12.15 -16.06
CA LYS A 21 -4.96 12.96 -17.26
C LYS A 21 -6.21 13.26 -18.09
N ALA A 22 -7.10 12.31 -18.26
CA ALA A 22 -8.40 12.57 -18.96
C ALA A 22 -9.19 13.66 -18.21
N LEU A 23 -9.21 13.61 -16.88
CA LEU A 23 -9.95 14.57 -16.01
C LEU A 23 -9.42 15.99 -16.24
N VAL A 24 -8.10 16.16 -16.34
CA VAL A 24 -7.52 17.50 -16.44
C VAL A 24 -7.32 17.96 -17.87
N ALA A 25 -7.53 17.11 -18.88
CA ALA A 25 -7.24 17.54 -20.27
C ALA A 25 -7.96 18.83 -20.69
N PRO A 26 -9.23 19.08 -20.30
CA PRO A 26 -9.93 20.35 -20.63
C PRO A 26 -9.20 21.52 -19.96
N PHE A 27 -8.71 21.36 -18.74
CA PHE A 27 -7.97 22.42 -18.01
C PHE A 27 -6.68 22.76 -18.74
N GLU A 28 -5.90 21.75 -19.14
CA GLU A 28 -4.65 21.88 -19.91
C GLU A 28 -4.93 22.69 -21.18
N LYS A 29 -5.99 22.35 -21.90
CA LYS A 29 -6.30 23.11 -23.15
C LYS A 29 -6.65 24.56 -22.80
N ALA A 30 -7.57 24.75 -21.85
CA ALA A 30 -8.05 26.11 -21.53
C ALA A 30 -6.89 27.00 -21.08
N HIS A 31 -5.92 26.50 -20.31
CA HIS A 31 -4.82 27.32 -19.74
C HIS A 31 -3.55 27.24 -20.56
N GLY A 32 -3.47 26.38 -21.57
CA GLY A 32 -2.24 26.20 -22.33
C GLY A 32 -1.10 25.69 -21.49
N VAL A 33 -1.33 24.69 -20.66
CA VAL A 33 -0.27 24.18 -19.75
C VAL A 33 -0.32 22.66 -19.82
N GLU A 34 0.70 22.02 -19.25
CA GLU A 34 0.74 20.57 -19.16
C GLU A 34 0.79 20.19 -17.69
N VAL A 35 -0.08 19.27 -17.30
CA VAL A 35 -0.07 18.78 -15.91
C VAL A 35 0.71 17.47 -15.92
N LYS A 36 1.75 17.39 -15.11
CA LYS A 36 2.62 16.18 -15.02
C LYS A 36 2.18 15.48 -13.72
N VAL A 37 1.55 14.33 -13.86
CA VAL A 37 1.04 13.58 -12.71
C VAL A 37 1.99 12.44 -12.36
N THR A 38 2.28 12.31 -11.07
CA THR A 38 3.00 11.14 -10.52
C THR A 38 2.04 10.40 -9.63
N VAL A 39 1.95 9.11 -9.83
CA VAL A 39 1.11 8.23 -8.99
C VAL A 39 2.03 7.65 -7.92
N LEU A 40 1.71 7.95 -6.67
CA LEU A 40 2.39 7.42 -5.49
C LEU A 40 1.60 6.19 -5.03
N ASP A 41 2.16 4.98 -5.19
CA ASP A 41 1.47 3.75 -4.73
C ASP A 41 1.17 3.92 -3.23
N TRP A 42 0.08 3.33 -2.72
CA TRP A 42 -0.24 3.55 -1.29
C TRP A 42 0.93 3.01 -0.42
N GLY A 43 1.72 2.03 -0.95
CA GLY A 43 2.89 1.47 -0.24
C GLY A 43 3.91 2.54 0.10
N VAL A 44 4.06 3.63 -0.70
CA VAL A 44 5.17 4.64 -0.63
C VAL A 44 4.67 6.09 -0.51
N ALA A 45 3.36 6.30 -0.52
CA ALA A 45 2.78 7.66 -0.64
C ALA A 45 3.20 8.46 0.58
N TRP A 46 3.07 7.91 1.78
CA TRP A 46 3.24 8.81 2.96
C TRP A 46 4.70 9.27 3.15
N THR A 47 5.64 8.34 2.93
CA THR A 47 7.09 8.63 3.00
C THR A 47 7.49 9.63 1.91
N LYS A 48 7.00 9.47 0.66
CA LYS A 48 7.35 10.43 -0.44
C LYS A 48 6.84 11.84 -0.06
N ILE A 49 5.61 11.95 0.45
CA ILE A 49 5.00 13.25 0.84
C ILE A 49 5.80 13.83 1.99
N THR A 50 6.15 12.99 2.99
CA THR A 50 6.91 13.49 4.15
C THR A 50 8.28 14.09 3.70
N THR A 51 8.97 13.39 2.82
CA THR A 51 10.29 13.86 2.29
C THR A 51 10.14 15.21 1.60
N ALA A 52 9.13 15.32 0.75
CA ALA A 52 8.83 16.58 0.02
C ALA A 52 8.66 17.70 1.04
N ALA A 53 7.92 17.43 2.12
CA ALA A 53 7.61 18.42 3.15
C ALA A 53 8.87 18.81 3.93
N THR A 54 9.73 17.84 4.24
CA THR A 54 10.95 18.07 5.06
C THR A 54 12.05 18.70 4.22
N SER A 55 12.16 18.39 2.91
CA SER A 55 13.30 18.76 2.01
CA SER A 55 13.33 18.79 2.06
C SER A 55 13.02 20.07 1.27
N GLY A 56 11.73 20.40 1.07
CA GLY A 56 11.35 21.58 0.26
C GLY A 56 11.53 21.35 -1.23
N VAL A 57 11.57 20.09 -1.62
CA VAL A 57 11.71 19.58 -3.01
C VAL A 57 10.49 18.69 -3.27
N GLY A 58 9.72 18.98 -4.31
CA GLY A 58 8.55 18.12 -4.55
C GLY A 58 7.62 18.75 -5.57
N PRO A 59 6.34 18.30 -5.61
CA PRO A 59 5.40 18.71 -6.62
C PRO A 59 4.87 20.10 -6.29
N ASP A 60 4.06 20.68 -7.18
CA ASP A 60 3.24 21.85 -6.88
C ASP A 60 2.09 21.45 -5.97
N LEU A 61 1.27 20.49 -6.43
CA LEU A 61 0.16 20.00 -5.59
C LEU A 61 0.42 18.54 -5.16
N THR A 62 -0.10 18.18 -3.99
CA THR A 62 -0.18 16.77 -3.61
C THR A 62 -1.56 16.46 -3.07
N GLN A 63 -2.00 15.27 -3.40
CA GLN A 63 -3.05 14.60 -2.63
C GLN A 63 -2.63 14.35 -1.21
N LEU A 64 -3.58 14.48 -0.29
CA LEU A 64 -3.36 14.14 1.13
C LEU A 64 -4.61 13.42 1.61
N GLY A 65 -4.43 12.32 2.30
CA GLY A 65 -5.60 11.79 2.98
C GLY A 65 -6.05 12.78 4.03
N THR A 66 -7.36 12.78 4.30
CA THR A 66 -7.94 13.80 5.23
C THR A 66 -7.22 13.73 6.58
N THR A 67 -6.83 12.54 7.06
CA THR A 67 -6.20 12.40 8.38
C THR A 67 -4.74 12.81 8.38
N ALA A 68 -4.15 13.25 7.25
CA ALA A 68 -2.76 13.69 7.11
C ALA A 68 -2.69 15.21 7.04
N VAL A 69 -3.86 15.83 6.91
CA VAL A 69 -3.90 17.31 6.69
C VAL A 69 -3.28 17.96 7.93
N GLY A 70 -3.63 17.54 9.15
CA GLY A 70 -3.09 18.26 10.30
C GLY A 70 -1.57 18.18 10.39
N ALA A 71 -1.02 16.99 10.23
CA ALA A 71 0.43 16.72 10.33
C ALA A 71 1.19 17.60 9.34
N ILE A 72 0.80 17.60 8.07
CA ILE A 72 1.58 18.32 7.01
C ILE A 72 1.37 19.81 7.25
N SER A 73 0.15 20.23 7.62
CA SER A 73 -0.13 21.67 7.85
C SER A 73 0.77 22.15 8.99
N ALA A 74 0.90 21.34 10.05
CA ALA A 74 1.65 21.75 11.24
C ALA A 74 3.13 21.94 10.90
N MET A 75 3.65 21.32 9.83
CA MET A 75 5.06 21.57 9.43
C MET A 75 5.23 22.96 8.84
N GLY A 76 4.16 23.67 8.47
CA GLY A 76 4.19 25.05 7.95
C GLY A 76 4.63 25.09 6.51
N VAL A 77 4.40 24.03 5.75
CA VAL A 77 4.90 23.87 4.34
C VAL A 77 3.77 24.07 3.33
N LEU A 78 2.55 24.34 3.79
CA LEU A 78 1.38 24.43 2.88
C LEU A 78 0.95 25.88 2.69
N GLU A 79 0.54 26.16 1.48
CA GLU A 79 0.01 27.46 1.10
C GLU A 79 -1.42 27.60 1.60
N PRO A 80 -1.89 28.77 2.02
CA PRO A 80 -3.31 28.93 2.36
C PRO A 80 -4.19 28.88 1.11
N VAL A 81 -5.36 28.26 1.25
CA VAL A 81 -6.32 28.04 0.15
C VAL A 81 -7.71 28.54 0.52
N ASP A 82 -7.83 29.47 1.49
CA ASP A 82 -9.09 30.16 1.78
C ASP A 82 -9.69 30.69 0.48
N ASP A 83 -8.88 31.26 -0.45
CA ASP A 83 -9.39 31.88 -1.67
C ASP A 83 -10.06 30.82 -2.55
N VAL A 84 -9.43 29.65 -2.66
CA VAL A 84 -10.03 28.58 -3.49
C VAL A 84 -11.36 28.12 -2.89
N LEU A 85 -11.40 27.92 -1.59
CA LEU A 85 -12.64 27.43 -0.96
C LEU A 85 -13.73 28.49 -1.08
N GLU A 86 -13.42 29.79 -0.91
CA GLU A 86 -14.48 30.81 -1.07
CA GLU A 86 -14.45 30.85 -1.08
C GLU A 86 -15.01 30.80 -2.49
N ALA A 87 -14.14 30.59 -3.50
CA ALA A 87 -14.56 30.57 -4.91
C ALA A 87 -15.53 29.40 -5.14
N LEU A 88 -15.38 28.34 -4.37
CA LEU A 88 -16.21 27.12 -4.50
C LEU A 88 -17.48 27.20 -3.64
N GLY A 89 -17.64 28.24 -2.86
CA GLY A 89 -18.87 28.44 -2.10
C GLY A 89 -18.66 28.50 -0.62
N GLY A 90 -17.42 28.44 -0.14
CA GLY A 90 -17.15 28.67 1.29
C GLY A 90 -17.55 27.48 2.15
N GLU A 91 -17.66 27.78 3.43
CA GLU A 91 -17.97 26.73 4.43
C GLU A 91 -19.28 26.03 4.06
N LYS A 92 -20.29 26.74 3.58
CA LYS A 92 -21.65 26.19 3.37
C LYS A 92 -21.65 25.22 2.18
N ALA A 93 -20.60 25.19 1.33
CA ALA A 93 -20.51 24.30 0.16
C ALA A 93 -20.14 22.87 0.56
N TYR A 94 -19.79 22.62 1.80
CA TYR A 94 -19.27 21.33 2.28
C TYR A 94 -20.05 20.80 3.49
N LEU A 95 -20.20 19.46 3.57
CA LEU A 95 -20.60 18.81 4.81
C LEU A 95 -19.64 19.26 5.91
N PRO A 96 -20.13 19.63 7.11
CA PRO A 96 -19.21 20.09 8.15
C PRO A 96 -18.05 19.13 8.45
N ALA A 97 -18.26 17.82 8.48
CA ALA A 97 -17.20 16.81 8.62
C ALA A 97 -16.09 17.05 7.58
N VAL A 98 -16.47 17.40 6.36
CA VAL A 98 -15.51 17.61 5.25
C VAL A 98 -14.81 18.97 5.47
N TRP A 99 -15.55 19.98 5.90
CA TRP A 99 -14.97 21.30 6.19
C TRP A 99 -13.88 21.18 7.26
N ARG A 100 -14.07 20.31 8.24
CA ARG A 100 -13.10 20.10 9.33
C ARG A 100 -11.74 19.68 8.74
N THR A 101 -11.70 19.01 7.60
CA THR A 101 -10.47 18.45 7.02
C THR A 101 -9.70 19.50 6.22
N THR A 102 -10.21 20.72 6.13
CA THR A 102 -9.55 21.75 5.28
C THR A 102 -8.40 22.44 6.05
N ARG A 103 -8.17 22.11 7.31
CA ARG A 103 -7.22 22.88 8.12
C ARG A 103 -6.77 22.02 9.29
N LEU A 104 -5.59 22.32 9.80
CA LEU A 104 -5.17 21.84 11.11
C LEU A 104 -6.21 22.32 12.10
N GLU A 105 -6.58 21.47 13.04
CA GLU A 105 -7.60 21.81 14.04
C GLU A 105 -7.14 23.05 14.84
N GLY A 106 -8.00 24.05 14.92
CA GLY A 106 -7.68 25.34 15.57
C GLY A 106 -6.97 26.37 14.68
N ALA A 107 -6.57 26.04 13.45
CA ALA A 107 -5.84 27.00 12.60
C ALA A 107 -6.84 28.04 12.07
N ARG A 108 -6.37 29.25 11.77
CA ARG A 108 -7.24 30.35 11.23
C ARG A 108 -7.38 30.14 9.72
N GLN A 109 -6.36 29.59 9.04
CA GLN A 109 -6.37 29.46 7.55
C GLN A 109 -6.56 28.02 7.09
N ALA A 110 -7.30 27.85 6.01
CA ALA A 110 -7.39 26.56 5.30
C ALA A 110 -6.04 26.24 4.62
N THR A 111 -5.64 24.98 4.63
CA THR A 111 -4.45 24.48 3.91
C THR A 111 -4.75 23.29 2.98
N ALA A 112 -6.00 22.84 2.87
CA ALA A 112 -6.35 21.72 1.98
C ALA A 112 -7.71 21.96 1.37
N VAL A 113 -7.84 21.54 0.12
CA VAL A 113 -9.08 21.64 -0.68
C VAL A 113 -9.67 20.24 -0.76
N PRO A 114 -10.92 20.06 -0.30
CA PRO A 114 -11.59 18.76 -0.35
C PRO A 114 -11.68 18.27 -1.80
N TRP A 115 -11.29 17.03 -2.03
CA TRP A 115 -11.27 16.44 -3.38
C TRP A 115 -12.33 15.37 -3.51
N PHE A 116 -12.27 14.31 -2.71
CA PHE A 116 -13.36 13.29 -2.75
C PHE A 116 -13.47 12.65 -1.37
N SER A 117 -14.65 12.11 -1.09
CA SER A 117 -15.02 11.55 0.22
C SER A 117 -15.25 10.07 0.15
N GLU A 118 -14.55 9.39 1.04
CA GLU A 118 -14.86 7.97 1.36
C GLU A 118 -15.89 8.01 2.47
N LEU A 119 -16.92 7.17 2.38
CA LEU A 119 -17.82 6.97 3.55
C LEU A 119 -18.22 5.53 3.50
N ARG A 120 -18.74 5.04 4.64
CA ARG A 120 -19.12 3.62 4.70
C ARG A 120 -20.58 3.46 5.06
N ALA A 121 -21.24 2.52 4.41
CA ALA A 121 -22.61 2.12 4.72
C ALA A 121 -22.71 0.61 4.59
N PHE A 122 -23.78 0.01 5.07
CA PHE A 122 -23.96 -1.45 5.01
C PHE A 122 -24.53 -1.82 3.67
N TYR A 123 -23.83 -2.69 2.96
CA TYR A 123 -24.45 -3.50 1.91
C TYR A 123 -25.18 -4.66 2.57
N TYR A 124 -26.28 -5.08 1.97
CA TYR A 124 -26.95 -6.30 2.45
C TYR A 124 -27.57 -7.05 1.27
N ARG A 125 -27.87 -8.33 1.53
CA ARG A 125 -28.47 -9.27 0.58
C ARG A 125 -29.97 -9.16 0.72
N THR A 126 -30.63 -8.54 -0.25
CA THR A 126 -32.07 -8.27 -0.13
C THR A 126 -32.84 -9.59 -0.06
N ASP A 127 -32.41 -10.61 -0.78
CA ASP A 127 -32.96 -12.01 -0.73
C ASP A 127 -32.82 -12.63 0.65
N ALA A 128 -31.64 -12.50 1.26
CA ALA A 128 -31.40 -13.08 2.59
C ALA A 128 -32.25 -12.36 3.61
N LEU A 129 -32.30 -11.02 3.59
CA LEU A 129 -33.14 -10.35 4.62
C LEU A 129 -34.63 -10.73 4.41
N LYS A 130 -35.10 -10.84 3.18
CA LYS A 130 -36.52 -11.20 2.91
C LYS A 130 -36.80 -12.62 3.42
N ALA A 131 -35.85 -13.53 3.18
CA ALA A 131 -36.01 -14.94 3.61
C ALA A 131 -36.08 -14.97 5.13
N ALA A 132 -35.33 -14.11 5.82
CA ALA A 132 -35.22 -14.13 7.29
C ALA A 132 -36.40 -13.40 7.94
N GLY A 133 -37.22 -12.68 7.17
CA GLY A 133 -38.33 -11.85 7.67
C GLY A 133 -37.79 -10.61 8.34
N VAL A 134 -36.70 -10.07 7.81
CA VAL A 134 -36.08 -8.85 8.35
C VAL A 134 -36.32 -7.72 7.36
N ASN A 135 -36.84 -6.60 7.87
CA ASN A 135 -37.09 -5.41 7.03
C ASN A 135 -35.93 -4.45 7.25
N PRO A 136 -35.23 -3.98 6.19
CA PRO A 136 -34.11 -3.09 6.40
C PRO A 136 -34.41 -1.80 7.15
N ALA A 137 -35.57 -1.19 6.93
CA ALA A 137 -35.96 0.06 7.62
C ALA A 137 -35.83 -0.10 9.13
N GLU A 138 -36.27 -1.26 9.64
CA GLU A 138 -36.34 -1.57 11.07
C GLU A 138 -34.95 -2.02 11.54
N MET A 139 -34.25 -2.83 10.75
CA MET A 139 -32.96 -3.41 11.18
C MET A 139 -31.97 -2.27 11.37
N PHE A 140 -32.01 -1.23 10.54
CA PHE A 140 -30.97 -0.15 10.57
C PHE A 140 -31.49 1.09 11.29
N ALA A 141 -32.64 1.00 11.97
CA ALA A 141 -33.26 2.14 12.73
C ALA A 141 -32.64 2.31 14.12
N SER A 142 -32.03 1.26 14.68
CA SER A 142 -31.48 1.27 16.04
C SER A 142 -30.46 0.13 16.15
N TRP A 143 -29.54 0.28 17.09
CA TRP A 143 -28.62 -0.82 17.43
C TRP A 143 -29.39 -2.08 17.84
N GLN A 144 -30.41 -1.93 18.67
CA GLN A 144 -31.21 -3.10 19.11
C GLN A 144 -31.80 -3.76 17.85
N GLY A 145 -32.36 -3.01 16.92
CA GLY A 145 -32.92 -3.61 15.68
C GLY A 145 -31.85 -4.28 14.84
N PHE A 146 -30.64 -3.71 14.83
CA PHE A 146 -29.47 -4.22 14.11
C PHE A 146 -29.13 -5.61 14.68
N GLU A 147 -28.97 -5.69 15.98
CA GLU A 147 -28.58 -6.98 16.60
C GLU A 147 -29.71 -8.00 16.41
N ALA A 148 -30.95 -7.57 16.55
CA ALA A 148 -32.14 -8.45 16.37
C ALA A 148 -32.19 -8.99 14.95
N GLY A 149 -31.90 -8.14 13.93
CA GLY A 149 -31.81 -8.58 12.52
C GLY A 149 -30.69 -9.60 12.30
N LEU A 150 -29.49 -9.42 12.88
CA LEU A 150 -28.44 -10.44 12.79
C LEU A 150 -28.91 -11.74 13.44
N ALA A 151 -29.60 -11.69 14.56
CA ALA A 151 -30.08 -12.91 15.23
C ALA A 151 -31.06 -13.64 14.29
N ARG A 152 -31.97 -12.96 13.63
CA ARG A 152 -32.90 -13.57 12.66
C ARG A 152 -32.09 -14.16 11.49
N LEU A 153 -31.09 -13.43 11.03
CA LEU A 153 -30.27 -13.89 9.91
C LEU A 153 -29.47 -15.14 10.31
N LYS A 154 -29.04 -15.24 11.57
CA LYS A 154 -28.29 -16.42 12.04
C LYS A 154 -29.24 -17.62 12.07
N ALA A 155 -30.50 -17.41 12.48
CA ALA A 155 -31.51 -18.49 12.66
C ALA A 155 -32.12 -18.93 11.32
N SER A 156 -32.02 -18.11 10.30
CA SER A 156 -32.59 -18.39 8.98
C SER A 156 -32.02 -19.67 8.36
N SER A 157 -32.90 -20.40 7.66
CA SER A 157 -32.54 -21.60 6.88
C SER A 157 -32.08 -21.22 5.47
N PHE A 158 -32.17 -19.94 5.08
CA PHE A 158 -31.77 -19.46 3.73
C PHE A 158 -30.36 -19.93 3.39
N ARG A 159 -30.20 -20.41 2.16
CA ARG A 159 -28.87 -20.78 1.59
C ARG A 159 -28.65 -20.02 0.28
N ASP A 160 -27.43 -19.55 0.05
CA ASP A 160 -27.10 -18.87 -1.20
C ASP A 160 -27.33 -19.84 -2.35
N PRO A 161 -28.01 -19.40 -3.43
CA PRO A 161 -28.26 -20.29 -4.57
C PRO A 161 -27.00 -20.82 -5.29
N GLU A 162 -25.86 -20.15 -5.21
CA GLU A 162 -24.58 -20.62 -5.83
C GLU A 162 -23.71 -21.39 -4.81
N THR A 163 -23.53 -20.90 -3.58
CA THR A 163 -22.64 -21.57 -2.60
C THR A 163 -23.35 -22.78 -2.01
N LYS A 164 -24.69 -22.82 -1.99
CA LYS A 164 -25.48 -23.86 -1.31
C LYS A 164 -25.26 -23.82 0.22
N ALA A 165 -24.72 -22.73 0.76
CA ALA A 165 -24.44 -22.60 2.21
C ALA A 165 -25.20 -21.41 2.78
N PRO A 166 -25.53 -21.43 4.08
CA PRO A 166 -26.04 -20.27 4.82
C PRO A 166 -24.99 -19.15 4.76
N LEU A 167 -25.46 -17.91 4.90
CA LEU A 167 -24.60 -16.72 4.87
C LEU A 167 -24.20 -16.42 6.29
N ALA A 168 -23.02 -15.83 6.45
CA ALA A 168 -22.66 -15.19 7.71
C ALA A 168 -23.62 -14.03 7.88
N PRO A 169 -24.18 -13.82 9.10
CA PRO A 169 -25.02 -12.65 9.30
C PRO A 169 -24.27 -11.35 8.96
N LEU A 170 -23.06 -11.23 9.51
CA LEU A 170 -22.22 -10.02 9.31
C LEU A 170 -20.81 -10.43 9.00
N CYS A 171 -20.20 -9.80 8.00
CA CYS A 171 -18.74 -9.91 7.83
C CYS A 171 -18.13 -8.55 8.12
N THR A 172 -17.03 -8.58 8.82
CA THR A 172 -16.23 -7.37 9.09
C THR A 172 -14.78 -7.81 9.27
N PRO A 173 -13.79 -6.99 8.86
CA PRO A 173 -12.45 -7.23 9.38
C PRO A 173 -12.43 -6.96 10.88
N GLY A 174 -11.38 -7.52 11.52
CA GLY A 174 -10.91 -7.13 12.85
C GLY A 174 -9.67 -6.30 12.77
N LYS A 175 -8.51 -6.84 13.12
CA LYS A 175 -7.30 -6.03 13.29
C LYS A 175 -6.45 -6.00 12.02
N ASN A 176 -6.69 -6.88 11.06
CA ASN A 176 -5.81 -7.07 9.89
C ASN A 176 -6.31 -6.27 8.73
N SER A 177 -6.39 -4.98 8.91
CA SER A 177 -6.90 -4.08 7.86
C SER A 177 -6.40 -2.67 8.08
N TRP A 178 -6.39 -1.90 7.02
CA TRP A 178 -5.90 -0.51 7.14
C TRP A 178 -6.90 0.36 7.89
N ASP A 179 -8.16 -0.07 8.04
CA ASP A 179 -9.30 0.78 8.50
C ASP A 179 -9.86 0.26 9.83
N VAL A 180 -9.04 -0.35 10.68
CA VAL A 180 -9.44 -0.82 12.02
C VAL A 180 -10.15 0.28 12.78
N LEU A 181 -9.54 1.45 12.91
CA LEU A 181 -10.18 2.54 13.72
C LEU A 181 -11.46 3.00 13.01
N HIS A 182 -11.43 3.13 11.68
CA HIS A 182 -12.58 3.66 10.92
C HIS A 182 -13.79 2.71 11.00
N ASN A 183 -13.56 1.43 11.12
CA ASN A 183 -14.62 0.42 11.28
C ASN A 183 -15.26 0.59 12.67
N ALA A 184 -14.48 1.01 13.66
CA ALA A 184 -14.97 1.16 15.02
C ALA A 184 -15.63 2.53 15.26
N ALA A 185 -15.14 3.57 14.54
CA ALA A 185 -15.53 4.95 14.85
C ALA A 185 -17.04 5.18 14.89
N PRO A 186 -17.88 4.66 13.95
CA PRO A 186 -19.31 4.98 14.00
C PRO A 186 -19.97 4.42 15.29
N TRP A 187 -19.41 3.31 15.80
CA TRP A 187 -19.94 2.68 17.02
C TRP A 187 -19.53 3.54 18.22
N ILE A 188 -18.28 3.97 18.30
CA ILE A 188 -17.83 4.93 19.36
C ILE A 188 -18.73 6.16 19.34
N TRP A 189 -18.93 6.75 18.17
CA TRP A 189 -19.67 8.03 18.05
C TRP A 189 -21.16 7.80 18.40
N GLY A 190 -21.79 6.73 17.90
CA GLY A 190 -23.21 6.44 18.13
C GLY A 190 -23.52 6.32 19.58
N ALA A 191 -22.57 5.78 20.37
CA ALA A 191 -22.73 5.59 21.81
C ALA A 191 -22.63 6.90 22.55
N GLY A 192 -22.23 7.99 21.88
CA GLY A 192 -21.94 9.22 22.56
C GLY A 192 -20.46 9.37 22.91
N GLY A 193 -19.56 8.53 22.35
CA GLY A 193 -18.13 8.67 22.63
C GLY A 193 -17.36 9.43 21.57
N GLU A 194 -16.05 9.48 21.77
CA GLU A 194 -15.15 9.99 20.72
C GLU A 194 -13.76 9.41 20.94
N ILE A 195 -12.90 9.47 19.94
CA ILE A 195 -11.56 8.89 20.07
C ILE A 195 -10.72 9.86 20.93
N VAL A 196 -10.87 11.17 20.74
CA VAL A 196 -10.08 12.18 21.53
C VAL A 196 -11.01 13.31 21.92
N ARG A 197 -10.66 14.06 22.95
CA ARG A 197 -11.48 15.20 23.45
CA ARG A 197 -11.49 15.22 23.39
C ARG A 197 -10.55 16.33 23.81
N GLN A 198 -11.02 17.57 23.70
CA GLN A 198 -10.16 18.72 24.01
C GLN A 198 -10.62 19.32 25.33
N ALA A 199 -9.69 19.74 26.18
CA ALA A 199 -9.96 20.48 27.44
C ALA A 199 -8.77 21.41 27.69
N GLY A 200 -9.04 22.69 27.94
CA GLY A 200 -7.99 23.71 28.06
C GLY A 200 -7.17 23.81 26.77
N GLY A 201 -7.77 23.48 25.63
CA GLY A 201 -7.05 23.49 24.34
C GLY A 201 -6.00 22.38 24.24
N ARG A 202 -6.02 21.40 25.16
CA ARG A 202 -5.13 20.23 25.11
C ARG A 202 -5.96 18.97 24.80
N TRP A 203 -5.44 18.13 23.90
CA TRP A 203 -6.23 16.96 23.44
C TRP A 203 -5.82 15.75 24.27
N GLN A 204 -6.77 14.90 24.64
CA GLN A 204 -6.49 13.63 25.37
C GLN A 204 -7.36 12.54 24.79
N SER A 205 -6.98 11.30 25.02
CA SER A 205 -7.78 10.14 24.63
C SER A 205 -9.15 10.16 25.33
N ALA A 206 -10.18 9.76 24.62
CA ALA A 206 -11.50 9.47 25.21
C ALA A 206 -11.92 8.05 24.84
N LEU A 207 -10.98 7.19 24.40
CA LEU A 207 -11.30 5.77 24.01
C LEU A 207 -11.72 4.97 25.22
N ASN A 208 -11.37 5.42 26.42
CA ASN A 208 -11.70 4.72 27.67
C ASN A 208 -12.87 5.38 28.39
N SER A 209 -13.57 6.32 27.75
CA SER A 209 -14.77 6.93 28.36
C SER A 209 -15.86 5.87 28.46
N PRO A 210 -16.83 5.96 29.40
CA PRO A 210 -17.92 4.96 29.43
C PRO A 210 -18.68 4.83 28.11
N GLU A 211 -18.88 5.95 27.40
CA GLU A 211 -19.62 5.91 26.12
C GLU A 211 -18.80 5.20 25.04
N SER A 212 -17.52 5.52 24.92
CA SER A 212 -16.64 4.92 23.88
C SER A 212 -16.61 3.41 24.13
N LEU A 213 -16.44 3.01 25.41
CA LEU A 213 -16.40 1.57 25.75
C LEU A 213 -17.70 0.86 25.40
N GLU A 214 -18.84 1.50 25.53
CA GLU A 214 -20.14 0.88 25.17
C GLU A 214 -20.20 0.63 23.67
N GLY A 215 -19.83 1.64 22.88
CA GLY A 215 -19.80 1.45 21.42
C GLY A 215 -18.84 0.38 20.94
N LEU A 216 -17.62 0.41 21.46
CA LEU A 216 -16.60 -0.59 21.07
C LEU A 216 -17.11 -1.97 21.46
N TYR A 217 -17.63 -2.16 22.65
CA TYR A 217 -18.06 -3.52 23.05
C TYR A 217 -19.24 -3.99 22.20
N PHE A 218 -20.19 -3.11 21.93
CA PHE A 218 -21.37 -3.46 21.11
C PHE A 218 -20.87 -4.05 19.79
N PHE A 219 -19.92 -3.41 19.12
CA PHE A 219 -19.40 -3.84 17.82
C PHE A 219 -18.59 -5.10 17.99
N LEU A 220 -17.53 -5.05 18.79
CA LEU A 220 -16.58 -6.19 18.87
C LEU A 220 -17.28 -7.47 19.30
N SER A 221 -18.24 -7.35 20.18
CA SER A 221 -18.92 -8.53 20.75
C SER A 221 -19.80 -9.20 19.72
N LEU A 222 -20.19 -8.51 18.64
CA LEU A 222 -21.00 -9.26 17.64
C LEU A 222 -20.25 -10.49 17.12
N ALA A 223 -18.93 -10.43 17.01
CA ALA A 223 -18.07 -11.51 16.51
C ALA A 223 -17.88 -12.61 17.55
N GLN A 224 -18.31 -12.38 18.78
CA GLN A 224 -18.31 -13.31 19.94
C GLN A 224 -19.65 -14.01 20.08
N LYS A 225 -20.69 -13.44 19.48
CA LYS A 225 -22.09 -13.89 19.61
C LYS A 225 -22.47 -14.80 18.43
N GLY A 226 -21.56 -15.13 17.51
CA GLY A 226 -21.89 -16.07 16.42
C GLY A 226 -22.29 -15.38 15.15
N TYR A 227 -22.27 -14.05 15.16
CA TYR A 227 -22.79 -13.30 13.97
C TYR A 227 -21.71 -13.05 12.92
N VAL A 228 -20.43 -13.11 13.27
CA VAL A 228 -19.28 -12.90 12.34
C VAL A 228 -18.39 -14.16 12.37
N PRO A 229 -18.03 -14.73 11.22
CA PRO A 229 -17.24 -15.97 11.18
C PRO A 229 -15.80 -15.69 11.65
N ALA A 230 -15.18 -16.65 12.31
CA ALA A 230 -13.80 -16.40 12.79
C ALA A 230 -12.89 -16.03 11.64
N GLU A 231 -13.09 -16.63 10.46
CA GLU A 231 -12.18 -16.42 9.30
CA GLU A 231 -12.17 -16.42 9.32
C GLU A 231 -12.22 -14.95 8.90
N SER A 232 -13.35 -14.28 9.09
CA SER A 232 -13.48 -12.86 8.70
CA SER A 232 -13.46 -12.86 8.69
C SER A 232 -12.42 -12.05 9.45
N LEU A 233 -12.14 -12.41 10.70
CA LEU A 233 -11.21 -11.62 11.55
C LEU A 233 -9.76 -11.71 11.06
N GLU A 234 -9.45 -12.65 10.16
CA GLU A 234 -8.07 -12.76 9.61
C GLU A 234 -7.87 -11.78 8.47
N LYS A 235 -8.95 -11.20 7.95
CA LYS A 235 -8.96 -10.59 6.60
C LYS A 235 -9.05 -9.06 6.63
N ASN A 236 -8.68 -8.45 5.52
CA ASN A 236 -8.83 -6.98 5.30
C ASN A 236 -10.13 -6.70 4.58
N THR A 237 -10.49 -5.42 4.44
CA THR A 237 -11.77 -5.01 3.82
C THR A 237 -11.88 -5.58 2.42
N ALA A 238 -10.85 -5.50 1.61
CA ALA A 238 -10.88 -5.98 0.21
C ALA A 238 -11.24 -7.46 0.16
N GLN A 239 -10.66 -8.27 1.05
CA GLN A 239 -10.96 -9.69 1.14
C GLN A 239 -12.41 -9.89 1.58
N ILE A 240 -12.90 -9.09 2.51
CA ILE A 240 -14.31 -9.28 2.95
C ILE A 240 -15.27 -8.86 1.81
N GLU A 241 -14.91 -7.86 1.04
CA GLU A 241 -15.70 -7.50 -0.16
C GLU A 241 -15.79 -8.69 -1.13
N ALA A 242 -14.71 -9.44 -1.28
CA ALA A 242 -14.68 -10.62 -2.17
C ALA A 242 -15.61 -11.67 -1.57
N ASP A 243 -15.61 -11.86 -0.25
CA ASP A 243 -16.48 -12.88 0.39
C ASP A 243 -17.94 -12.49 0.16
N PHE A 244 -18.28 -11.19 0.25
CA PHE A 244 -19.67 -10.74 0.02
C PHE A 244 -20.03 -11.04 -1.42
N GLN A 245 -19.13 -10.70 -2.34
CA GLN A 245 -19.38 -10.93 -3.78
C GLN A 245 -19.61 -12.42 -4.05
N ALA A 246 -18.92 -13.27 -3.32
CA ALA A 246 -18.96 -14.73 -3.49
C ALA A 246 -20.17 -15.34 -2.84
N GLY A 247 -21.01 -14.55 -2.15
CA GLY A 247 -22.30 -14.97 -1.59
C GLY A 247 -22.20 -15.56 -0.23
N LYS A 248 -21.15 -15.20 0.52
CA LYS A 248 -20.89 -15.78 1.86
C LYS A 248 -21.34 -14.89 3.03
N CYS A 249 -21.84 -13.70 2.79
CA CYS A 249 -22.11 -12.66 3.84
C CYS A 249 -23.46 -12.01 3.58
N ALA A 250 -24.34 -11.88 4.54
CA ALA A 250 -25.65 -11.20 4.36
C ALA A 250 -25.45 -9.68 4.47
N VAL A 251 -24.58 -9.21 5.37
CA VAL A 251 -24.43 -7.76 5.64
C VAL A 251 -22.96 -7.45 5.78
N PHE A 252 -22.47 -6.38 5.18
CA PHE A 252 -21.09 -5.92 5.42
C PHE A 252 -20.96 -4.47 5.01
N ALA A 253 -20.06 -3.76 5.67
CA ALA A 253 -19.86 -2.31 5.43
C ALA A 253 -18.75 -2.07 4.40
N SER A 254 -19.01 -1.19 3.46
CA SER A 254 -17.96 -0.70 2.54
C SER A 254 -18.39 0.61 1.95
N GLY A 255 -17.62 1.06 0.97
CA GLY A 255 -17.85 2.34 0.34
C GLY A 255 -18.68 2.19 -0.94
N PRO A 256 -18.85 3.30 -1.68
CA PRO A 256 -19.73 3.33 -2.83
C PRO A 256 -19.19 2.61 -4.07
N TRP A 257 -17.89 2.28 -4.10
CA TRP A 257 -17.25 1.63 -5.27
C TRP A 257 -17.83 0.22 -5.55
N MET A 258 -18.42 -0.45 -4.59
CA MET A 258 -19.02 -1.78 -4.78
C MET A 258 -20.17 -1.73 -5.75
N ILE A 259 -20.84 -0.57 -5.87
CA ILE A 259 -22.03 -0.39 -6.73
C ILE A 259 -21.56 -0.55 -8.19
N GLN A 260 -20.47 0.11 -8.54
CA GLN A 260 -19.90 -0.03 -9.92
C GLN A 260 -19.36 -1.46 -10.14
N ARG A 261 -18.76 -2.05 -9.12
CA ARG A 261 -18.23 -3.44 -9.23
C ARG A 261 -19.37 -4.40 -9.54
N ALA A 262 -20.57 -4.15 -9.02
CA ALA A 262 -21.77 -5.01 -9.22
C ALA A 262 -22.25 -4.96 -10.67
N GLN A 263 -21.87 -3.95 -11.43
CA GLN A 263 -22.28 -3.78 -12.84
C GLN A 263 -21.27 -4.38 -13.82
N VAL A 264 -20.11 -4.77 -13.35
CA VAL A 264 -18.93 -5.19 -14.14
C VAL A 264 -18.83 -6.71 -14.08
N PRO A 265 -18.59 -7.39 -15.20
CA PRO A 265 -18.41 -8.83 -15.19
C PRO A 265 -17.24 -9.30 -14.35
N GLU A 266 -17.36 -10.50 -13.80
CA GLU A 266 -16.34 -11.22 -13.00
C GLU A 266 -15.02 -11.30 -13.76
N ALA A 267 -15.11 -11.55 -15.07
CA ALA A 267 -13.96 -11.61 -15.98
C ALA A 267 -13.17 -10.29 -15.92
N LYS A 268 -13.79 -9.15 -15.58
CA LYS A 268 -13.11 -7.82 -15.59
C LYS A 268 -12.94 -7.30 -14.16
N GLY A 269 -13.00 -8.20 -13.17
CA GLY A 269 -12.76 -7.81 -11.77
C GLY A 269 -14.04 -7.46 -11.01
N GLY A 270 -15.22 -7.48 -11.67
CA GLY A 270 -16.50 -7.18 -10.99
C GLY A 270 -17.21 -8.42 -10.43
N PHE A 271 -18.52 -8.34 -10.19
CA PHE A 271 -19.31 -9.50 -9.71
C PHE A 271 -20.72 -9.48 -10.27
N ALA A 272 -20.90 -8.89 -11.47
CA ALA A 272 -22.23 -8.73 -12.11
C ALA A 272 -23.00 -10.06 -12.19
N GLU A 273 -22.33 -11.18 -12.41
CA GLU A 273 -22.98 -12.49 -12.68
C GLU A 273 -23.50 -13.10 -11.37
N ARG A 274 -23.05 -12.62 -10.20
CA ARG A 274 -23.22 -13.35 -8.92
C ARG A 274 -24.56 -12.96 -8.31
N THR A 275 -25.12 -13.86 -7.49
CA THR A 275 -26.39 -13.62 -6.79
C THR A 275 -26.32 -12.31 -6.01
N ALA A 276 -25.18 -12.01 -5.39
CA ALA A 276 -25.09 -10.81 -4.54
C ALA A 276 -25.33 -9.55 -5.40
N ALA A 277 -24.82 -9.51 -6.64
CA ALA A 277 -24.97 -8.31 -7.49
C ALA A 277 -26.45 -8.15 -7.87
N LYS A 278 -27.20 -9.25 -8.02
CA LYS A 278 -28.62 -9.21 -8.45
CA LYS A 278 -28.62 -9.17 -8.46
C LYS A 278 -29.55 -8.97 -7.26
N ASN A 279 -29.03 -9.02 -6.02
CA ASN A 279 -29.87 -8.98 -4.79
C ASN A 279 -29.22 -7.99 -3.80
N LEU A 280 -28.95 -6.79 -4.26
CA LEU A 280 -28.05 -5.85 -3.53
C LEU A 280 -28.89 -4.72 -2.93
N GLY A 281 -28.67 -4.46 -1.64
CA GLY A 281 -29.25 -3.35 -0.89
C GLY A 281 -28.16 -2.59 -0.21
N VAL A 282 -28.50 -1.36 0.20
CA VAL A 282 -27.60 -0.50 1.01
C VAL A 282 -28.49 0.10 2.11
N ALA A 283 -27.95 0.21 3.30
CA ALA A 283 -28.53 1.01 4.40
C ALA A 283 -27.43 1.75 5.13
N PRO A 284 -27.74 2.94 5.69
CA PRO A 284 -26.76 3.61 6.54
C PRO A 284 -26.47 2.80 7.80
N TYR A 285 -25.36 3.12 8.45
CA TYR A 285 -25.08 2.61 9.80
C TYR A 285 -26.29 2.89 10.68
N PRO A 286 -26.64 1.93 11.59
CA PRO A 286 -27.84 2.06 12.41
C PRO A 286 -27.67 3.15 13.46
N ALA A 287 -28.78 3.80 13.81
CA ALA A 287 -28.74 4.90 14.78
C ALA A 287 -28.38 4.34 16.15
N GLY A 288 -27.39 4.93 16.81
CA GLY A 288 -26.93 4.53 18.14
C GLY A 288 -27.70 5.23 19.25
N PRO A 289 -27.25 4.99 20.50
CA PRO A 289 -27.83 5.62 21.69
C PRO A 289 -27.95 7.14 21.65
N LYS A 290 -26.95 7.84 21.08
CA LYS A 290 -26.90 9.32 21.05
C LYS A 290 -27.03 9.84 19.63
N GLY A 291 -27.07 8.99 18.61
CA GLY A 291 -27.29 9.46 17.25
C GLY A 291 -26.75 8.51 16.19
N ARG A 292 -26.93 8.93 14.92
CA ARG A 292 -26.50 8.16 13.75
C ARG A 292 -25.30 8.92 13.17
N TYR A 293 -24.21 8.21 12.99
CA TYR A 293 -22.97 8.75 12.37
C TYR A 293 -22.45 7.81 11.32
N THR A 294 -21.93 8.45 10.27
CA THR A 294 -21.30 7.80 9.13
C THR A 294 -19.85 8.25 9.18
N PHE A 295 -18.94 7.29 9.12
CA PHE A 295 -17.49 7.57 8.98
C PHE A 295 -17.23 8.25 7.63
N PHE A 296 -16.55 9.38 7.65
CA PHE A 296 -15.95 10.07 6.50
C PHE A 296 -14.42 10.02 6.57
N GLY A 297 -13.83 9.70 5.43
CA GLY A 297 -12.43 9.89 5.09
C GLY A 297 -12.33 10.43 3.67
N GLY A 298 -11.34 9.93 2.97
CA GLY A 298 -11.08 10.30 1.56
C GLY A 298 -9.88 11.21 1.50
N SER A 299 -9.79 12.03 0.46
CA SER A 299 -8.56 12.82 0.20
C SER A 299 -8.87 14.27 -0.14
N ASN A 300 -7.89 15.11 0.16
CA ASN A 300 -7.86 16.53 -0.21
C ASN A 300 -6.66 16.78 -1.10
N LEU A 301 -6.56 17.99 -1.58
CA LEU A 301 -5.36 18.49 -2.34
C LEU A 301 -4.76 19.68 -1.65
N ALA A 302 -3.43 19.75 -1.66
CA ALA A 302 -2.68 20.83 -1.00
C ALA A 302 -1.59 21.32 -1.93
N LEU A 303 -1.21 22.55 -1.70
CA LEU A 303 -0.20 23.29 -2.50
C LEU A 303 1.00 23.55 -1.59
N PHE A 304 2.16 23.09 -2.02
CA PHE A 304 3.40 23.32 -1.23
C PHE A 304 3.86 24.75 -1.38
N ASN A 305 4.39 25.32 -0.30
CA ASN A 305 4.75 26.73 -0.36
C ASN A 305 6.06 26.93 -1.10
N PHE A 306 6.76 25.88 -1.54
CA PHE A 306 7.97 26.01 -2.37
C PHE A 306 7.62 25.97 -3.85
N SER A 307 6.32 25.87 -4.16
CA SER A 307 5.88 25.95 -5.58
C SER A 307 6.32 27.24 -6.27
N LYS A 308 6.80 27.14 -7.52
CA LYS A 308 7.11 28.28 -8.39
C LYS A 308 5.85 28.63 -9.20
N ASN A 309 4.76 27.89 -9.08
CA ASN A 309 3.60 28.08 -9.99
C ASN A 309 2.30 28.18 -9.19
N LYS A 310 2.27 29.01 -8.17
CA LYS A 310 1.14 29.03 -7.19
C LYS A 310 -0.14 29.52 -7.88
N PRO A 311 -0.17 30.58 -8.72
CA PRO A 311 -1.42 30.96 -9.39
C PRO A 311 -2.06 29.86 -10.24
N LEU A 312 -1.27 29.20 -11.07
CA LEU A 312 -1.84 28.15 -11.94
C LEU A 312 -2.25 26.95 -11.07
N ALA A 313 -1.50 26.65 -10.02
CA ALA A 313 -1.82 25.51 -9.13
C ALA A 313 -3.18 25.82 -8.46
N LYS A 314 -3.41 27.06 -8.02
CA LYS A 314 -4.70 27.43 -7.42
C LYS A 314 -5.84 27.34 -8.43
N GLU A 315 -5.59 27.66 -9.69
CA GLU A 315 -6.62 27.50 -10.73
C GLU A 315 -6.94 26.01 -10.89
N LEU A 316 -5.95 25.13 -10.81
CA LEU A 316 -6.22 23.68 -10.91
C LEU A 316 -7.00 23.24 -9.66
N LEU A 317 -6.64 23.73 -8.48
CA LEU A 317 -7.44 23.35 -7.31
C LEU A 317 -8.90 23.70 -7.54
N LYS A 318 -9.15 24.93 -7.98
CA LYS A 318 -10.54 25.40 -8.22
C LYS A 318 -11.23 24.49 -9.22
N TYR A 319 -10.54 24.07 -10.29
CA TYR A 319 -11.10 23.14 -11.30
C TYR A 319 -11.43 21.80 -10.65
N LEU A 320 -10.44 21.19 -9.97
CA LEU A 320 -10.64 19.83 -9.43
C LEU A 320 -11.71 19.87 -8.33
N GLY A 321 -11.81 20.98 -7.61
CA GLY A 321 -12.71 21.13 -6.47
C GLY A 321 -14.14 21.50 -6.88
N GLY A 322 -14.35 21.75 -8.17
CA GLY A 322 -15.57 22.41 -8.69
C GLY A 322 -16.53 21.41 -9.32
N PRO A 323 -17.81 21.81 -9.57
CA PRO A 323 -18.88 20.85 -9.92
C PRO A 323 -18.62 19.78 -10.99
N GLU A 324 -18.19 20.21 -12.18
CA GLU A 324 -18.01 19.26 -13.28
C GLU A 324 -16.97 18.20 -12.93
N ALA A 325 -15.76 18.63 -12.46
CA ALA A 325 -14.67 17.69 -12.19
C ALA A 325 -15.04 16.85 -10.97
N GLN A 326 -15.81 17.44 -10.03
CA GLN A 326 -16.25 16.69 -8.85
C GLN A 326 -17.06 15.48 -9.28
N VAL A 327 -17.99 15.63 -10.20
CA VAL A 327 -18.88 14.50 -10.58
C VAL A 327 -18.03 13.49 -11.38
N ARG A 328 -17.19 13.96 -12.30
CA ARG A 328 -16.43 13.11 -13.22
C ARG A 328 -15.50 12.24 -12.35
N TYR A 329 -14.81 12.86 -11.39
CA TYR A 329 -13.78 12.10 -10.62
C TYR A 329 -14.42 11.22 -9.56
N ALA A 330 -15.53 11.66 -8.95
CA ALA A 330 -16.31 10.75 -8.07
C ALA A 330 -16.67 9.46 -8.80
N GLN A 331 -17.09 9.52 -10.06
CA GLN A 331 -17.44 8.32 -10.88
C GLN A 331 -16.17 7.47 -11.10
N MET A 332 -15.05 8.08 -11.48
CA MET A 332 -13.80 7.35 -11.77
C MET A 332 -13.34 6.59 -10.53
N THR A 333 -13.49 7.16 -9.32
CA THR A 333 -12.93 6.63 -8.06
C THR A 333 -13.95 5.75 -7.34
N GLY A 334 -15.23 5.83 -7.70
CA GLY A 334 -16.28 5.12 -6.90
C GLY A 334 -16.48 5.74 -5.50
N MET A 335 -16.22 7.03 -5.39
CA MET A 335 -16.31 7.81 -4.15
C MET A 335 -17.48 8.80 -4.26
N LEU A 336 -17.72 9.56 -3.21
CA LEU A 336 -18.67 10.68 -3.27
C LEU A 336 -17.90 11.97 -3.48
N PRO A 337 -18.47 12.91 -4.24
CA PRO A 337 -17.91 14.25 -4.35
C PRO A 337 -17.63 14.82 -2.95
N ALA A 338 -16.51 15.54 -2.80
CA ALA A 338 -16.30 16.38 -1.61
C ALA A 338 -17.18 17.64 -1.62
N LEU A 339 -17.55 18.16 -2.78
CA LEU A 339 -18.42 19.33 -2.97
C LEU A 339 -19.89 18.91 -2.83
N ARG A 340 -20.53 19.32 -1.77
CA ARG A 340 -21.88 18.78 -1.38
C ARG A 340 -22.97 19.07 -2.46
N SER A 341 -22.85 20.16 -3.19
CA SER A 341 -23.83 20.42 -4.30
C SER A 341 -23.84 19.29 -5.31
N ALA A 342 -22.69 18.67 -5.57
CA ALA A 342 -22.58 17.59 -6.56
C ALA A 342 -23.41 16.37 -6.13
N TRP A 343 -23.86 16.24 -4.88
CA TRP A 343 -24.63 15.07 -4.42
C TRP A 343 -25.99 14.98 -5.12
N SER A 344 -26.49 16.14 -5.62
CA SER A 344 -27.79 16.11 -6.32
C SER A 344 -27.65 15.77 -7.80
N ASP A 345 -26.43 15.58 -8.31
CA ASP A 345 -26.23 15.17 -9.75
C ASP A 345 -26.95 13.86 -10.02
N PRO A 346 -27.59 13.73 -11.21
CA PRO A 346 -28.20 12.47 -11.62
C PRO A 346 -27.33 11.23 -11.59
N SER A 347 -26.01 11.35 -11.71
CA SER A 347 -25.10 10.19 -11.58
C SER A 347 -25.31 9.50 -10.24
N PHE A 348 -25.65 10.25 -9.19
CA PHE A 348 -25.96 9.66 -7.87
C PHE A 348 -27.46 9.39 -7.80
N GLN A 349 -28.28 10.34 -8.23
CA GLN A 349 -29.72 10.36 -7.92
C GLN A 349 -30.44 9.32 -8.77
N GLN A 350 -29.93 8.97 -9.93
CA GLN A 350 -30.61 7.99 -10.84
C GLN A 350 -30.33 6.56 -10.32
N ASN A 351 -29.42 6.38 -9.37
CA ASN A 351 -28.96 5.03 -8.93
C ASN A 351 -29.47 4.83 -7.51
N PRO A 352 -30.41 3.90 -7.21
CA PRO A 352 -30.99 3.82 -5.88
C PRO A 352 -29.95 3.56 -4.78
N LEU A 353 -28.93 2.78 -5.11
CA LEU A 353 -27.88 2.44 -4.08
C LEU A 353 -27.04 3.68 -3.83
N LEU A 354 -26.65 4.39 -4.88
CA LEU A 354 -25.94 5.68 -4.66
C LEU A 354 -26.81 6.68 -3.90
N ARG A 355 -28.12 6.76 -4.15
CA ARG A 355 -28.99 7.68 -3.37
C ARG A 355 -28.95 7.30 -1.90
N THR A 356 -28.90 6.00 -1.58
CA THR A 356 -28.83 5.59 -0.15
C THR A 356 -27.49 6.11 0.43
N PHE A 357 -26.39 6.04 -0.32
CA PHE A 357 -25.08 6.58 0.17
C PHE A 357 -25.21 8.09 0.43
N ILE A 358 -25.96 8.78 -0.41
CA ILE A 358 -26.19 10.23 -0.23
C ILE A 358 -26.95 10.46 1.07
N GLN A 359 -27.93 9.60 1.37
CA GLN A 359 -28.67 9.70 2.65
CA GLN A 359 -28.69 9.68 2.65
C GLN A 359 -27.72 9.44 3.82
N ALA A 360 -26.87 8.42 3.69
CA ALA A 360 -25.89 8.11 4.76
C ALA A 360 -24.93 9.29 4.96
N ALA A 361 -24.61 9.98 3.87
CA ALA A 361 -23.56 11.03 3.83
C ALA A 361 -23.92 12.18 4.78
N GLN A 362 -25.19 12.51 4.95
CA GLN A 362 -25.58 13.73 5.78
C GLN A 362 -25.33 13.48 7.27
N PHE A 363 -25.09 12.22 7.65
CA PHE A 363 -24.71 11.81 9.06
C PHE A 363 -23.17 11.72 9.20
N GLY A 364 -22.45 12.30 8.26
CA GLY A 364 -21.00 12.13 8.22
C GLY A 364 -20.37 12.82 9.42
N ARG A 365 -19.25 12.22 9.84
CA ARG A 365 -18.41 12.66 10.99
C ARG A 365 -16.96 12.22 10.74
N THR A 366 -15.99 13.05 11.11
CA THR A 366 -14.60 12.65 10.91
C THR A 366 -13.82 12.97 12.17
N TYR A 367 -12.57 12.50 12.19
CA TYR A 367 -11.71 12.76 13.35
C TYR A 367 -11.27 14.20 13.36
N PRO A 368 -10.94 14.77 14.53
CA PRO A 368 -10.34 16.11 14.59
C PRO A 368 -9.00 16.06 13.81
N SER A 369 -8.70 17.17 13.15
CA SER A 369 -7.54 17.31 12.24
C SER A 369 -6.28 17.64 13.05
N LEU A 370 -5.85 16.73 13.87
CA LEU A 370 -4.72 16.96 14.79
C LEU A 370 -3.38 16.79 14.08
N ALA A 371 -2.37 17.57 14.49
CA ALA A 371 -0.98 17.37 13.98
C ALA A 371 -0.46 15.99 14.34
N GLY A 372 -0.87 15.51 15.50
CA GLY A 372 -0.42 14.23 16.09
C GLY A 372 -1.38 13.10 15.82
N TRP A 373 -2.26 13.25 14.80
CA TRP A 373 -3.28 12.22 14.60
C TRP A 373 -2.68 10.83 14.34
N GLY A 374 -1.63 10.73 13.52
CA GLY A 374 -1.13 9.39 13.19
C GLY A 374 -0.69 8.63 14.42
N GLY A 375 -0.07 9.27 15.42
CA GLY A 375 0.32 8.59 16.67
C GLY A 375 -0.91 8.13 17.42
N VAL A 376 -1.94 8.97 17.43
CA VAL A 376 -3.23 8.62 18.08
C VAL A 376 -3.82 7.36 17.45
N GLU A 377 -4.00 7.39 16.15
CA GLU A 377 -4.62 6.26 15.42
C GLU A 377 -3.75 5.01 15.65
N ASN A 378 -2.44 5.14 15.48
CA ASN A 378 -1.53 3.97 15.55
C ASN A 378 -1.63 3.32 16.94
N LEU A 379 -1.59 4.12 17.98
CA LEU A 379 -1.72 3.53 19.34
C LEU A 379 -3.14 3.02 19.59
N ALA A 380 -4.16 3.70 19.14
CA ALA A 380 -5.54 3.15 19.20
C ALA A 380 -5.62 1.75 18.56
N VAL A 381 -5.06 1.60 17.37
CA VAL A 381 -5.26 0.39 16.55
C VAL A 381 -4.45 -0.74 17.18
N GLN A 382 -3.28 -0.48 17.75
CA GLN A 382 -2.50 -1.55 18.40
C GLN A 382 -3.38 -2.17 19.48
N HIS A 383 -3.96 -1.31 20.31
CA HIS A 383 -4.77 -1.82 21.45
C HIS A 383 -6.12 -2.41 21.01
N LEU A 384 -6.78 -1.85 20.00
CA LEU A 384 -7.99 -2.45 19.43
C LEU A 384 -7.65 -3.83 18.84
N GLY A 385 -6.45 -3.98 18.28
CA GLY A 385 -5.95 -5.25 17.78
C GLY A 385 -5.97 -6.31 18.86
N MET A 386 -5.46 -5.94 20.02
CA MET A 386 -5.39 -6.90 21.14
C MET A 386 -6.82 -7.24 21.57
N ALA A 387 -7.75 -6.28 21.47
CA ALA A 387 -9.17 -6.56 21.81
C ALA A 387 -9.72 -7.56 20.79
N TRP A 388 -9.44 -7.36 19.49
CA TRP A 388 -9.92 -8.31 18.45
C TRP A 388 -9.34 -9.71 18.68
N ASP A 389 -8.11 -9.83 19.15
CA ASP A 389 -7.51 -11.13 19.52
C ASP A 389 -8.31 -11.82 20.64
N LEU A 390 -8.88 -11.08 21.60
CA LEU A 390 -9.71 -11.69 22.67
C LEU A 390 -11.02 -12.13 22.06
N VAL A 391 -11.59 -11.33 21.17
CA VAL A 391 -12.86 -11.66 20.46
C VAL A 391 -12.67 -12.99 19.74
N ALA A 392 -11.53 -13.16 19.04
CA ALA A 392 -11.31 -14.39 18.23
C ALA A 392 -11.28 -15.62 19.14
N GLN A 393 -11.01 -15.45 20.44
CA GLN A 393 -11.00 -16.54 21.46
C GLN A 393 -12.28 -16.57 22.29
N GLY A 394 -13.23 -15.65 22.12
CA GLY A 394 -14.45 -15.58 22.94
C GLY A 394 -14.16 -15.08 24.33
N ARG A 395 -13.08 -14.33 24.51
CA ARG A 395 -12.55 -13.91 25.83
C ARG A 395 -12.58 -12.39 25.97
N LEU A 396 -13.27 -11.65 25.08
CA LEU A 396 -13.36 -10.19 25.29
C LEU A 396 -14.44 -9.94 26.34
N THR A 397 -14.04 -9.58 27.54
CA THR A 397 -14.97 -9.13 28.60
C THR A 397 -14.98 -7.60 28.57
N ARG A 398 -16.00 -6.99 29.13
CA ARG A 398 -16.06 -5.53 29.27
C ARG A 398 -14.83 -5.06 30.03
N GLU A 399 -14.42 -5.79 31.10
CA GLU A 399 -13.24 -5.41 31.93
C GLU A 399 -11.96 -5.45 31.09
N ALA A 400 -11.80 -6.47 30.27
CA ALA A 400 -10.57 -6.64 29.44
C ALA A 400 -10.53 -5.47 28.45
N LEU A 401 -11.67 -5.12 27.88
CA LEU A 401 -11.72 -4.00 26.88
C LEU A 401 -11.33 -2.71 27.58
N LYS A 402 -11.87 -2.49 28.79
CA LYS A 402 -11.55 -1.25 29.53
C LYS A 402 -10.04 -1.22 29.85
N ASP A 403 -9.43 -2.34 30.25
CA ASP A 403 -7.96 -2.43 30.51
C ASP A 403 -7.18 -2.00 29.25
N LEU A 404 -7.54 -2.52 28.10
CA LEU A 404 -6.82 -2.22 26.85
C LEU A 404 -7.04 -0.77 26.46
N MET A 405 -8.23 -0.22 26.67
CA MET A 405 -8.45 1.20 26.22
C MET A 405 -7.79 2.15 27.24
N ASP A 406 -7.63 1.73 28.50
CA ASP A 406 -6.87 2.53 29.51
C ASP A 406 -5.39 2.59 29.08
N LYS A 407 -4.85 1.45 28.70
CA LYS A 407 -3.45 1.33 28.23
C LYS A 407 -3.31 2.20 26.98
N ALA A 408 -4.23 2.06 26.02
CA ALA A 408 -4.15 2.91 24.82
C ALA A 408 -4.15 4.40 25.23
N SER A 409 -5.01 4.78 26.16
CA SER A 409 -5.26 6.21 26.55
C SER A 409 -4.02 6.78 27.21
N ALA A 410 -3.36 6.00 28.05
CA ALA A 410 -2.12 6.40 28.70
C ALA A 410 -1.06 6.69 27.64
N ALA A 411 -0.92 5.83 26.62
CA ALA A 411 0.10 5.96 25.56
C ALA A 411 -0.27 7.15 24.68
N ILE A 412 -1.55 7.29 24.34
CA ILE A 412 -2.03 8.40 23.47
C ILE A 412 -1.75 9.73 24.15
N ASN A 413 -2.10 9.81 25.44
CA ASN A 413 -1.96 11.11 26.18
C ASN A 413 -0.47 11.46 26.27
N GLN A 414 0.41 10.47 26.43
CA GLN A 414 1.85 10.73 26.47
C GLN A 414 2.30 11.25 25.10
N ALA A 415 1.83 10.65 24.01
CA ALA A 415 2.22 11.05 22.63
C ALA A 415 1.72 12.48 22.35
N LEU A 416 0.52 12.80 22.81
CA LEU A 416 -0.13 14.12 22.50
C LEU A 416 0.59 15.22 23.29
N ARG A 417 1.23 14.86 24.39
CA ARG A 417 2.07 15.80 25.17
C ARG A 417 3.47 15.75 24.58
N LYS B 3 4.22 -16.90 27.09
CA LYS B 3 3.15 -17.76 26.56
C LYS B 3 2.50 -17.17 25.30
N THR B 4 2.47 -15.84 25.07
CA THR B 4 2.14 -15.29 23.71
C THR B 4 3.21 -14.34 23.20
N LEU B 5 3.52 -14.42 21.90
CA LEU B 5 4.41 -13.46 21.20
C LEU B 5 3.49 -12.65 20.28
N GLU B 6 3.80 -11.38 20.09
CA GLU B 6 3.08 -10.52 19.11
C GLU B 6 4.04 -10.23 17.96
N VAL B 7 3.65 -10.54 16.73
CA VAL B 7 4.49 -10.28 15.53
C VAL B 7 3.70 -9.41 14.57
N TRP B 8 4.30 -8.33 14.11
CA TRP B 8 3.77 -7.56 12.94
C TRP B 8 4.42 -7.97 11.63
N ILE B 9 3.57 -8.26 10.65
CA ILE B 9 4.07 -8.60 9.28
C ILE B 9 3.35 -7.71 8.27
N MET B 10 3.93 -7.55 7.10
CA MET B 10 3.26 -6.95 5.93
C MET B 10 2.64 -8.04 5.05
N PRO B 11 1.82 -7.68 4.03
CA PRO B 11 1.01 -8.65 3.33
C PRO B 11 1.83 -9.42 2.30
N ASN B 12 2.65 -10.40 2.70
CA ASN B 12 3.74 -10.93 1.81
C ASN B 12 3.25 -12.07 0.92
N SER B 13 2.14 -12.65 1.28
CA SER B 13 1.60 -13.87 0.63
C SER B 13 0.10 -13.69 0.36
N PRO B 14 -0.52 -14.60 -0.42
CA PRO B 14 -1.92 -14.44 -0.81
C PRO B 14 -2.94 -14.38 0.34
N GLN B 15 -2.68 -15.10 1.42
CA GLN B 15 -3.53 -15.04 2.63
C GLN B 15 -2.61 -14.72 3.80
N PRO B 16 -2.20 -13.46 3.99
CA PRO B 16 -1.04 -13.15 4.82
C PRO B 16 -1.12 -13.75 6.24
N ALA B 17 -2.22 -13.57 6.97
CA ALA B 17 -2.34 -14.06 8.35
C ALA B 17 -2.41 -15.59 8.39
N GLU B 18 -3.24 -16.20 7.53
CA GLU B 18 -3.41 -17.69 7.48
C GLU B 18 -2.06 -18.34 7.14
N ASP B 19 -1.33 -17.78 6.18
CA ASP B 19 -0.10 -18.38 5.65
C ASP B 19 0.92 -18.31 6.78
N PHE B 20 1.04 -17.16 7.45
CA PHE B 20 1.99 -17.01 8.56
C PHE B 20 1.60 -17.92 9.74
N LYS B 21 0.33 -18.02 10.07
CA LYS B 21 -0.12 -18.96 11.13
C LYS B 21 0.26 -20.39 10.78
N ALA B 22 0.02 -20.83 9.55
CA ALA B 22 0.44 -22.20 9.14
C ALA B 22 1.96 -22.34 9.31
N LEU B 23 2.73 -21.32 8.91
CA LEU B 23 4.21 -21.26 8.97
C LEU B 23 4.66 -21.53 10.41
N VAL B 24 4.05 -20.88 11.38
CA VAL B 24 4.58 -20.94 12.78
C VAL B 24 3.92 -22.04 13.60
N ALA B 25 2.89 -22.73 13.12
CA ALA B 25 2.15 -23.72 13.91
C ALA B 25 3.10 -24.74 14.56
N PRO B 26 4.10 -25.31 13.85
CA PRO B 26 4.98 -26.33 14.47
C PRO B 26 5.84 -25.71 15.60
N PHE B 27 6.24 -24.46 15.46
CA PHE B 27 6.95 -23.70 16.54
C PHE B 27 6.03 -23.60 17.75
N GLU B 28 4.80 -23.10 17.57
CA GLU B 28 3.80 -22.92 18.66
C GLU B 28 3.66 -24.24 19.40
N LYS B 29 3.49 -25.36 18.70
CA LYS B 29 3.29 -26.63 19.42
C LYS B 29 4.60 -27.04 20.10
N ALA B 30 5.74 -26.97 19.43
CA ALA B 30 6.98 -27.50 20.05
C ALA B 30 7.29 -26.71 21.32
N HIS B 31 7.06 -25.39 21.32
CA HIS B 31 7.42 -24.50 22.46
C HIS B 31 6.24 -24.25 23.37
N GLY B 32 5.03 -24.72 23.06
CA GLY B 32 3.85 -24.47 23.91
C GLY B 32 3.53 -22.96 24.06
N VAL B 33 3.56 -22.21 22.98
CA VAL B 33 3.21 -20.75 23.00
C VAL B 33 2.23 -20.47 21.87
N GLU B 34 1.63 -19.30 21.89
CA GLU B 34 0.72 -18.83 20.84
C GLU B 34 1.33 -17.57 20.25
N VAL B 35 1.40 -17.56 18.91
CA VAL B 35 1.98 -16.39 18.20
C VAL B 35 0.78 -15.59 17.70
N LYS B 36 0.70 -14.31 18.04
CA LYS B 36 -0.41 -13.41 17.60
C LYS B 36 0.13 -12.58 16.47
N VAL B 37 -0.40 -12.78 15.28
CA VAL B 37 0.15 -12.06 14.11
C VAL B 37 -0.80 -10.94 13.73
N THR B 38 -0.26 -9.79 13.39
CA THR B 38 -1.04 -8.63 12.88
C THR B 38 -0.48 -8.24 11.54
N VAL B 39 -1.36 -8.10 10.55
CA VAL B 39 -0.91 -7.77 9.17
C VAL B 39 -1.04 -6.26 9.01
N LEU B 40 0.06 -5.57 8.71
CA LEU B 40 0.12 -4.10 8.50
C LEU B 40 0.26 -3.86 7.00
N ASP B 41 -0.43 -2.87 6.42
CA ASP B 41 -0.14 -2.48 5.00
C ASP B 41 1.20 -1.77 4.90
N TRP B 42 1.90 -1.96 3.78
CA TRP B 42 3.21 -1.31 3.56
C TRP B 42 3.11 0.22 3.72
N GLY B 43 2.00 0.79 3.34
CA GLY B 43 1.84 2.26 3.44
C GLY B 43 1.95 2.78 4.88
N VAL B 44 1.53 1.99 5.86
CA VAL B 44 1.34 2.43 7.28
C VAL B 44 2.41 1.79 8.18
N ALA B 45 3.10 0.75 7.70
CA ALA B 45 4.04 -0.06 8.49
C ALA B 45 5.07 0.88 9.11
N TRP B 46 5.67 1.74 8.29
CA TRP B 46 6.71 2.71 8.70
C TRP B 46 6.25 3.52 9.96
N THR B 47 5.08 4.16 9.89
CA THR B 47 4.54 5.11 10.91
C THR B 47 4.20 4.28 12.17
N LYS B 48 3.70 3.07 12.00
CA LYS B 48 3.32 2.17 13.12
C LYS B 48 4.59 1.73 13.81
N ILE B 49 5.65 1.44 13.05
CA ILE B 49 6.94 0.99 13.66
C ILE B 49 7.57 2.18 14.33
N THR B 50 7.53 3.39 13.72
CA THR B 50 8.13 4.57 14.40
C THR B 50 7.34 4.92 15.65
N THR B 51 6.01 4.79 15.67
CA THR B 51 5.20 5.05 16.90
C THR B 51 5.60 4.05 18.00
N ALA B 52 5.73 2.77 17.64
CA ALA B 52 6.19 1.73 18.60
C ALA B 52 7.53 2.18 19.19
N ALA B 53 8.42 2.67 18.33
CA ALA B 53 9.76 3.12 18.76
C ALA B 53 9.76 4.29 19.72
N THR B 54 8.95 5.33 19.46
CA THR B 54 8.90 6.54 20.32
C THR B 54 8.01 6.31 21.54
N SER B 55 6.98 5.44 21.46
CA SER B 55 6.05 5.22 22.59
CA SER B 55 6.07 5.24 22.60
C SER B 55 6.60 4.17 23.57
N GLY B 56 7.45 3.28 23.10
CA GLY B 56 8.00 2.16 23.89
C GLY B 56 6.94 1.10 24.09
N VAL B 57 5.91 1.10 23.24
CA VAL B 57 4.74 0.17 23.28
C VAL B 57 4.65 -0.47 21.89
N GLY B 58 4.56 -1.78 21.84
CA GLY B 58 4.60 -2.38 20.52
C GLY B 58 4.55 -3.89 20.55
N PRO B 59 4.84 -4.55 19.43
CA PRO B 59 4.91 -5.99 19.39
C PRO B 59 6.25 -6.51 19.93
N ASP B 60 6.47 -7.83 19.86
CA ASP B 60 7.77 -8.43 20.22
C ASP B 60 8.62 -8.27 18.97
N LEU B 61 8.11 -8.84 17.89
CA LEU B 61 8.85 -8.78 16.60
C LEU B 61 8.11 -7.89 15.61
N THR B 62 8.86 -7.32 14.66
CA THR B 62 8.29 -6.71 13.46
C THR B 62 9.12 -7.07 12.24
N GLN B 63 8.40 -7.31 11.15
CA GLN B 63 8.98 -7.28 9.82
C GLN B 63 9.46 -5.85 9.54
N LEU B 64 10.57 -5.80 8.81
CA LEU B 64 11.14 -4.52 8.33
C LEU B 64 11.63 -4.74 6.88
N GLY B 65 11.34 -3.81 5.99
CA GLY B 65 12.01 -3.94 4.70
C GLY B 65 13.47 -3.74 4.91
N THR B 66 14.31 -4.36 4.06
CA THR B 66 15.75 -4.32 4.23
C THR B 66 16.23 -2.86 4.23
N THR B 67 15.58 -1.99 3.50
CA THR B 67 15.99 -0.56 3.41
C THR B 67 15.55 0.27 4.58
N ALA B 68 14.71 -0.26 5.48
CA ALA B 68 14.21 0.38 6.72
C ALA B 68 15.12 0.01 7.91
N VAL B 69 15.95 -1.01 7.77
CA VAL B 69 16.75 -1.54 8.90
C VAL B 69 17.59 -0.39 9.45
N GLY B 70 18.31 0.37 8.61
CA GLY B 70 19.17 1.45 9.14
C GLY B 70 18.36 2.45 9.97
N ALA B 71 17.23 2.91 9.47
CA ALA B 71 16.44 3.98 10.08
C ALA B 71 15.93 3.52 11.44
N ILE B 72 15.36 2.33 11.55
CA ILE B 72 14.80 1.84 12.81
C ILE B 72 15.95 1.53 13.79
N SER B 73 17.06 0.98 13.30
CA SER B 73 18.27 0.69 14.12
C SER B 73 18.81 1.97 14.72
N ALA B 74 18.80 3.05 13.98
CA ALA B 74 19.43 4.31 14.45
C ALA B 74 18.52 4.94 15.51
N MET B 75 17.27 4.52 15.63
CA MET B 75 16.36 4.99 16.72
C MET B 75 16.72 4.33 18.06
N GLY B 76 17.58 3.29 18.06
CA GLY B 76 18.13 2.65 19.24
C GLY B 76 17.12 1.78 19.99
N VAL B 77 16.12 1.24 19.31
CA VAL B 77 14.99 0.47 19.93
C VAL B 77 15.10 -1.00 19.52
N LEU B 78 16.13 -1.41 18.78
CA LEU B 78 16.22 -2.80 18.36
C LEU B 78 17.19 -3.62 19.22
N GLU B 79 16.78 -4.82 19.58
CA GLU B 79 17.63 -5.77 20.36
C GLU B 79 18.71 -6.27 19.43
N PRO B 80 19.99 -6.35 19.87
CA PRO B 80 20.99 -7.09 19.12
C PRO B 80 20.57 -8.57 18.93
N VAL B 81 20.84 -9.07 17.74
CA VAL B 81 20.51 -10.44 17.30
C VAL B 81 21.70 -11.15 16.64
N ASP B 82 22.92 -10.79 17.05
CA ASP B 82 24.14 -11.51 16.62
C ASP B 82 24.03 -12.99 17.00
N ASP B 83 23.48 -13.32 18.17
CA ASP B 83 23.43 -14.71 18.62
C ASP B 83 22.45 -15.49 17.76
N VAL B 84 21.40 -14.84 17.27
CA VAL B 84 20.41 -15.48 16.37
C VAL B 84 21.19 -15.79 15.08
N LEU B 85 21.91 -14.78 14.55
CA LEU B 85 22.54 -15.01 13.24
C LEU B 85 23.55 -16.13 13.39
N GLU B 86 24.31 -16.21 14.47
CA GLU B 86 25.30 -17.30 14.64
C GLU B 86 24.55 -18.63 14.65
N ALA B 87 23.39 -18.71 15.33
CA ALA B 87 22.56 -19.93 15.37
C ALA B 87 22.05 -20.31 14.01
N LEU B 88 22.06 -19.39 13.03
CA LEU B 88 21.64 -19.65 11.65
C LEU B 88 22.83 -19.93 10.74
N GLY B 89 24.05 -19.91 11.26
CA GLY B 89 25.24 -20.22 10.46
C GLY B 89 26.18 -19.04 10.35
N GLY B 90 25.82 -17.85 10.82
CA GLY B 90 26.73 -16.72 10.76
C GLY B 90 26.80 -16.08 9.36
N GLU B 91 27.84 -15.30 9.17
CA GLU B 91 28.03 -14.51 7.92
C GLU B 91 28.09 -15.49 6.72
N LYS B 92 28.68 -16.66 6.89
CA LYS B 92 28.85 -17.66 5.79
C LYS B 92 27.49 -18.17 5.28
N ALA B 93 26.41 -18.06 6.06
CA ALA B 93 25.04 -18.57 5.72
C ALA B 93 24.33 -17.67 4.71
N TYR B 94 24.90 -16.52 4.39
CA TYR B 94 24.20 -15.46 3.64
C TYR B 94 25.02 -14.96 2.45
N LEU B 95 24.33 -14.55 1.39
CA LEU B 95 24.95 -13.73 0.33
CA LEU B 95 24.91 -13.70 0.32
C LEU B 95 25.44 -12.43 1.01
N PRO B 96 26.63 -11.91 0.69
CA PRO B 96 27.10 -10.65 1.23
C PRO B 96 26.06 -9.50 1.19
N ALA B 97 25.30 -9.37 0.12
CA ALA B 97 24.29 -8.29 -0.02
C ALA B 97 23.22 -8.46 1.05
N VAL B 98 22.88 -9.70 1.41
CA VAL B 98 21.81 -9.98 2.40
C VAL B 98 22.43 -9.71 3.77
N TRP B 99 23.69 -10.12 4.01
CA TRP B 99 24.35 -9.84 5.30
C TRP B 99 24.36 -8.34 5.55
N ARG B 100 24.57 -7.51 4.50
CA ARG B 100 24.63 -6.04 4.64
C ARG B 100 23.34 -5.46 5.26
N THR B 101 22.20 -6.15 5.12
CA THR B 101 20.89 -5.68 5.60
C THR B 101 20.67 -6.02 7.06
N THR B 102 21.64 -6.68 7.71
CA THR B 102 21.41 -7.15 9.09
C THR B 102 21.73 -6.06 10.10
N ARG B 103 22.23 -4.90 9.66
CA ARG B 103 22.63 -3.88 10.63
C ARG B 103 22.70 -2.53 9.91
N LEU B 104 22.74 -1.51 10.73
CA LEU B 104 23.00 -0.15 10.28
C LEU B 104 24.39 -0.16 9.70
N GLU B 105 24.61 0.57 8.61
CA GLU B 105 25.87 0.50 7.85
C GLU B 105 27.05 0.74 8.78
N GLY B 106 28.00 -0.21 8.74
CA GLY B 106 29.28 -0.27 9.49
C GLY B 106 29.15 -0.75 10.92
N ALA B 107 27.91 -0.94 11.40
CA ALA B 107 27.60 -1.26 12.81
C ALA B 107 28.17 -2.62 13.17
N ARG B 108 28.59 -2.73 14.43
CA ARG B 108 29.19 -3.97 14.93
C ARG B 108 28.07 -5.00 15.14
N GLN B 109 26.99 -4.60 15.78
CA GLN B 109 25.94 -5.56 16.25
C GLN B 109 24.78 -5.59 15.26
N ALA B 110 24.44 -6.79 14.82
CA ALA B 110 23.22 -7.10 14.06
C ALA B 110 21.97 -6.63 14.79
N THR B 111 21.01 -6.03 14.08
CA THR B 111 19.70 -5.63 14.64
C THR B 111 18.56 -6.16 13.75
N ALA B 112 18.84 -6.96 12.73
CA ALA B 112 17.77 -7.58 11.94
C ALA B 112 18.20 -8.95 11.40
N VAL B 113 17.24 -9.83 11.36
CA VAL B 113 17.39 -11.22 10.86
C VAL B 113 16.84 -11.31 9.46
N PRO B 114 17.66 -11.76 8.47
CA PRO B 114 17.14 -11.95 7.11
C PRO B 114 15.98 -12.93 7.06
N TRP B 115 14.90 -12.51 6.43
CA TRP B 115 13.70 -13.36 6.29
C TRP B 115 13.53 -13.83 4.86
N PHE B 116 13.38 -12.92 3.90
CA PHE B 116 13.24 -13.38 2.53
C PHE B 116 13.82 -12.30 1.64
N SER B 117 14.23 -12.73 0.44
CA SER B 117 14.95 -11.86 -0.52
C SER B 117 14.05 -11.61 -1.72
N GLU B 118 13.83 -10.35 -2.03
CA GLU B 118 13.37 -9.96 -3.38
C GLU B 118 14.63 -9.75 -4.24
N LEU B 119 14.66 -10.29 -5.41
CA LEU B 119 15.71 -9.96 -6.41
C LEU B 119 15.02 -9.90 -7.77
N ARG B 120 15.61 -9.14 -8.66
CA ARG B 120 15.02 -8.90 -9.96
C ARG B 120 15.87 -9.47 -11.10
N ALA B 121 15.20 -10.12 -12.03
CA ALA B 121 15.84 -10.65 -13.24
C ALA B 121 14.90 -10.40 -14.42
N PHE B 122 15.35 -10.59 -15.66
CA PHE B 122 14.49 -10.38 -16.84
C PHE B 122 13.76 -11.67 -17.24
N TYR B 123 12.46 -11.62 -17.24
CA TYR B 123 11.58 -12.57 -17.95
C TYR B 123 11.59 -12.19 -19.41
N TYR B 124 11.54 -13.21 -20.27
CA TYR B 124 11.44 -12.96 -21.71
C TYR B 124 10.54 -14.04 -22.29
N ARG B 125 10.02 -13.76 -23.45
CA ARG B 125 9.14 -14.62 -24.27
C ARG B 125 10.05 -15.48 -25.16
N THR B 126 10.17 -16.76 -24.82
CA THR B 126 11.13 -17.62 -25.57
C THR B 126 10.73 -17.67 -27.05
N ASP B 127 9.45 -17.69 -27.33
CA ASP B 127 8.86 -17.75 -28.70
C ASP B 127 9.25 -16.48 -29.48
N ALA B 128 9.08 -15.34 -28.84
CA ALA B 128 9.40 -14.03 -29.43
C ALA B 128 10.88 -13.92 -29.72
N LEU B 129 11.75 -14.27 -28.79
CA LEU B 129 13.21 -14.13 -29.08
C LEU B 129 13.64 -15.13 -30.14
N LYS B 130 13.04 -16.32 -30.18
CA LYS B 130 13.37 -17.33 -31.21
C LYS B 130 12.95 -16.82 -32.59
N ALA B 131 11.73 -16.32 -32.68
CA ALA B 131 11.21 -15.77 -33.96
C ALA B 131 12.03 -14.57 -34.39
N ALA B 132 12.56 -13.74 -33.50
CA ALA B 132 13.38 -12.56 -33.86
C ALA B 132 14.84 -12.93 -34.16
N GLY B 133 15.23 -14.20 -33.94
CA GLY B 133 16.59 -14.73 -34.07
C GLY B 133 17.55 -14.13 -33.09
N VAL B 134 17.06 -13.88 -31.87
CA VAL B 134 17.91 -13.32 -30.79
C VAL B 134 18.37 -14.43 -29.86
N ASN B 135 19.67 -14.49 -29.58
CA ASN B 135 20.22 -15.52 -28.67
C ASN B 135 20.04 -15.00 -27.25
N PRO B 136 19.14 -15.54 -26.40
CA PRO B 136 18.79 -14.87 -25.16
C PRO B 136 19.96 -14.71 -24.16
N ALA B 137 20.77 -15.74 -23.96
CA ALA B 137 21.90 -15.62 -22.99
C ALA B 137 22.83 -14.52 -23.43
N GLU B 138 23.09 -14.39 -24.72
CA GLU B 138 23.98 -13.33 -25.21
C GLU B 138 23.33 -11.94 -25.07
N MET B 139 22.04 -11.88 -25.33
CA MET B 139 21.24 -10.63 -25.20
C MET B 139 21.35 -10.08 -23.78
N PHE B 140 21.23 -10.96 -22.78
CA PHE B 140 21.16 -10.58 -21.35
C PHE B 140 22.56 -10.57 -20.72
N ALA B 141 23.61 -10.77 -21.50
CA ALA B 141 24.96 -10.81 -20.88
C ALA B 141 25.64 -9.47 -20.87
N SER B 142 25.31 -8.53 -21.77
CA SER B 142 26.04 -7.24 -21.82
C SER B 142 25.08 -6.15 -22.26
N TRP B 143 25.43 -4.92 -21.93
CA TRP B 143 24.60 -3.77 -22.36
C TRP B 143 24.46 -3.79 -23.90
N GLN B 144 25.56 -3.94 -24.61
CA GLN B 144 25.54 -3.96 -26.09
C GLN B 144 24.65 -5.09 -26.61
N GLY B 145 24.69 -6.26 -26.01
CA GLY B 145 23.81 -7.37 -26.43
C GLY B 145 22.38 -7.01 -26.16
N PHE B 146 22.14 -6.35 -25.03
CA PHE B 146 20.76 -6.05 -24.56
C PHE B 146 20.12 -5.06 -25.54
N GLU B 147 20.83 -3.95 -25.83
CA GLU B 147 20.28 -2.93 -26.74
C GLU B 147 20.11 -3.58 -28.11
N ALA B 148 21.08 -4.35 -28.59
CA ALA B 148 20.97 -4.98 -29.92
C ALA B 148 19.75 -5.94 -29.96
N GLY B 149 19.53 -6.72 -28.91
CA GLY B 149 18.36 -7.61 -28.83
C GLY B 149 17.06 -6.83 -28.92
N LEU B 150 16.97 -5.69 -28.22
CA LEU B 150 15.74 -4.89 -28.27
C LEU B 150 15.56 -4.36 -29.70
N ALA B 151 16.63 -3.93 -30.35
CA ALA B 151 16.53 -3.45 -31.74
C ALA B 151 16.01 -4.63 -32.60
N ARG B 152 16.59 -5.81 -32.50
CA ARG B 152 16.10 -7.00 -33.30
C ARG B 152 14.65 -7.28 -32.95
N LEU B 153 14.30 -7.22 -31.67
CA LEU B 153 12.89 -7.45 -31.24
C LEU B 153 11.93 -6.44 -31.86
N LYS B 154 12.37 -5.18 -31.99
CA LYS B 154 11.54 -4.08 -32.56
C LYS B 154 11.36 -4.36 -34.07
N ALA B 155 12.37 -4.92 -34.73
CA ALA B 155 12.34 -5.22 -36.19
C ALA B 155 11.58 -6.53 -36.47
N SER B 156 11.33 -7.36 -35.50
CA SER B 156 10.73 -8.67 -35.79
C SER B 156 9.29 -8.55 -36.33
N SER B 157 8.94 -9.45 -37.24
CA SER B 157 7.56 -9.62 -37.75
C SER B 157 6.67 -10.47 -36.85
N PHE B 158 7.21 -11.05 -35.77
CA PHE B 158 6.44 -12.00 -34.95
C PHE B 158 5.26 -11.24 -34.36
N ARG B 159 4.10 -11.89 -34.35
CA ARG B 159 2.88 -11.37 -33.65
C ARG B 159 2.49 -12.33 -32.54
N ASP B 160 2.19 -11.78 -31.36
CA ASP B 160 1.63 -12.58 -30.25
C ASP B 160 0.39 -13.31 -30.75
N PRO B 161 0.25 -14.63 -30.51
CA PRO B 161 -0.87 -15.40 -31.07
C PRO B 161 -2.24 -15.02 -30.50
N GLU B 162 -2.31 -14.30 -29.39
CA GLU B 162 -3.60 -13.85 -28.82
C GLU B 162 -3.81 -12.35 -29.06
N THR B 163 -2.82 -11.47 -28.99
CA THR B 163 -3.04 -10.02 -29.31
C THR B 163 -3.08 -9.81 -30.83
N LYS B 164 -2.49 -10.69 -31.65
CA LYS B 164 -2.32 -10.50 -33.10
C LYS B 164 -1.50 -9.23 -33.39
N ALA B 165 -0.70 -8.80 -32.44
CA ALA B 165 0.13 -7.59 -32.52
C ALA B 165 1.56 -7.97 -32.25
N PRO B 166 2.53 -7.18 -32.76
CA PRO B 166 3.92 -7.31 -32.34
C PRO B 166 4.00 -7.04 -30.82
N LEU B 167 4.99 -7.60 -30.18
CA LEU B 167 5.24 -7.37 -28.74
C LEU B 167 6.09 -6.11 -28.66
N ALA B 168 5.90 -5.33 -27.62
CA ALA B 168 6.88 -4.31 -27.22
C ALA B 168 8.17 -5.01 -26.87
N PRO B 169 9.33 -4.53 -27.35
CA PRO B 169 10.59 -5.15 -26.97
C PRO B 169 10.77 -5.23 -25.43
N LEU B 170 10.52 -4.12 -24.73
CA LEU B 170 10.79 -4.02 -23.27
C LEU B 170 9.64 -3.25 -22.63
N CYS B 171 9.08 -3.82 -21.58
CA CYS B 171 8.11 -3.09 -20.70
C CYS B 171 8.86 -2.78 -19.43
N THR B 172 8.78 -1.53 -19.03
CA THR B 172 9.37 -1.11 -17.72
C THR B 172 8.49 -0.03 -17.16
N PRO B 173 8.23 0.06 -15.83
CA PRO B 173 7.74 1.33 -15.29
C PRO B 173 8.77 2.44 -15.50
N GLY B 174 8.30 3.68 -15.46
CA GLY B 174 9.13 4.88 -15.23
C GLY B 174 8.95 5.37 -13.80
N LYS B 175 8.16 6.43 -13.60
CA LYS B 175 8.11 7.08 -12.26
C LYS B 175 6.93 6.58 -11.43
N ASN B 176 5.95 5.92 -12.04
CA ASN B 176 4.67 5.64 -11.32
C ASN B 176 4.67 4.26 -10.69
N SER B 177 5.69 3.97 -9.89
CA SER B 177 5.81 2.64 -9.23
C SER B 177 6.52 2.82 -7.89
N TRP B 178 6.48 1.79 -7.07
CA TRP B 178 7.13 1.83 -5.76
C TRP B 178 8.63 1.56 -5.87
N ASP B 179 9.16 1.10 -6.99
CA ASP B 179 10.53 0.55 -7.17
C ASP B 179 11.31 1.37 -8.20
N VAL B 180 10.96 2.65 -8.42
CA VAL B 180 11.70 3.52 -9.37
C VAL B 180 13.23 3.41 -9.18
N LEU B 181 13.72 3.60 -7.97
CA LEU B 181 15.20 3.53 -7.77
C LEU B 181 15.70 2.11 -8.05
N HIS B 182 15.00 1.08 -7.60
CA HIS B 182 15.44 -0.33 -7.69
C HIS B 182 15.56 -0.70 -9.16
N ASN B 183 14.66 -0.17 -9.99
CA ASN B 183 14.71 -0.47 -11.44
C ASN B 183 15.91 0.20 -12.07
N ALA B 184 16.37 1.33 -11.54
CA ALA B 184 17.56 2.03 -12.12
C ALA B 184 18.88 1.48 -11.56
N ALA B 185 18.85 1.01 -10.31
CA ALA B 185 20.07 0.62 -9.57
C ALA B 185 21.01 -0.28 -10.39
N PRO B 186 20.56 -1.42 -11.00
CA PRO B 186 21.50 -2.31 -11.67
C PRO B 186 22.23 -1.61 -12.82
N TRP B 187 21.59 -0.63 -13.43
CA TRP B 187 22.21 0.16 -14.52
C TRP B 187 23.27 1.10 -13.95
N ILE B 188 22.95 1.79 -12.86
CA ILE B 188 23.92 2.67 -12.15
C ILE B 188 25.13 1.85 -11.74
N TRP B 189 24.90 0.72 -11.09
CA TRP B 189 25.96 -0.19 -10.62
C TRP B 189 26.79 -0.74 -11.79
N GLY B 190 26.16 -1.22 -12.86
CA GLY B 190 26.89 -1.83 -13.97
C GLY B 190 27.77 -0.84 -14.71
N ALA B 191 27.47 0.46 -14.57
CA ALA B 191 28.23 1.54 -15.17
C ALA B 191 29.46 1.85 -14.32
N GLY B 192 29.51 1.26 -13.12
CA GLY B 192 30.52 1.60 -12.14
C GLY B 192 30.14 2.71 -11.22
N GLY B 193 28.86 3.11 -11.17
CA GLY B 193 28.40 4.17 -10.26
C GLY B 193 27.75 3.61 -9.01
N GLU B 194 27.20 4.50 -8.20
CA GLU B 194 26.46 4.12 -6.99
C GLU B 194 25.51 5.27 -6.63
N ILE B 195 24.52 5.01 -5.80
CA ILE B 195 23.54 6.05 -5.43
C ILE B 195 24.19 7.00 -4.44
N VAL B 196 24.94 6.44 -3.49
CA VAL B 196 25.67 7.21 -2.43
C VAL B 196 27.03 6.56 -2.20
N ARG B 197 27.99 7.36 -1.75
CA ARG B 197 29.34 6.87 -1.40
C ARG B 197 29.89 7.62 -0.20
N GLN B 198 30.73 6.94 0.57
CA GLN B 198 31.18 7.44 1.88
C GLN B 198 32.63 7.92 1.77
N ALA B 199 33.28 7.74 0.63
CA ALA B 199 34.74 8.02 0.51
C ALA B 199 34.98 9.50 0.86
N GLY B 200 35.88 9.76 1.81
CA GLY B 200 36.15 11.11 2.34
C GLY B 200 35.48 11.36 3.70
N GLY B 201 34.81 10.35 4.28
CA GLY B 201 34.39 10.38 5.67
C GLY B 201 32.90 10.54 5.89
N ARG B 202 32.14 11.01 4.89
CA ARG B 202 30.72 11.37 5.00
C ARG B 202 29.98 10.73 3.84
N TRP B 203 28.77 10.23 4.07
CA TRP B 203 27.94 9.79 2.91
C TRP B 203 27.50 10.97 2.06
N GLN B 204 27.69 10.89 0.75
CA GLN B 204 27.13 11.89 -0.18
C GLN B 204 26.56 11.20 -1.42
N SER B 205 25.69 11.91 -2.11
CA SER B 205 25.15 11.40 -3.38
C SER B 205 26.27 11.14 -4.38
N ALA B 206 26.14 10.08 -5.18
CA ALA B 206 27.02 9.83 -6.33
C ALA B 206 26.16 9.68 -7.59
N LEU B 207 24.90 10.13 -7.53
CA LEU B 207 23.98 9.99 -8.69
C LEU B 207 24.48 10.82 -9.88
N ASN B 208 25.27 11.83 -9.61
CA ASN B 208 25.78 12.76 -10.64
C ASN B 208 27.22 12.45 -11.02
N SER B 209 27.77 11.32 -10.62
CA SER B 209 29.11 10.88 -11.04
C SER B 209 29.04 10.58 -12.54
N PRO B 210 30.14 10.69 -13.31
CA PRO B 210 30.06 10.27 -14.72
C PRO B 210 29.56 8.83 -14.91
N GLU B 211 29.96 7.92 -14.04
CA GLU B 211 29.56 6.50 -14.19
C GLU B 211 28.04 6.38 -13.96
N SER B 212 27.53 6.93 -12.89
CA SER B 212 26.10 6.84 -12.56
C SER B 212 25.27 7.42 -13.72
N LEU B 213 25.76 8.52 -14.25
CA LEU B 213 25.10 9.20 -15.39
C LEU B 213 25.13 8.32 -16.65
N GLU B 214 26.21 7.62 -16.96
CA GLU B 214 26.27 6.71 -18.10
C GLU B 214 25.26 5.60 -17.96
N GLY B 215 25.10 5.02 -16.76
CA GLY B 215 24.16 3.91 -16.56
C GLY B 215 22.74 4.40 -16.69
N LEU B 216 22.43 5.53 -16.03
CA LEU B 216 21.07 6.11 -16.08
C LEU B 216 20.72 6.39 -17.53
N TYR B 217 21.60 7.08 -18.26
CA TYR B 217 21.28 7.40 -19.65
C TYR B 217 21.04 6.14 -20.47
N PHE B 218 21.89 5.15 -20.31
CA PHE B 218 21.81 3.90 -21.11
C PHE B 218 20.38 3.32 -20.92
N PHE B 219 19.91 3.23 -19.70
CA PHE B 219 18.58 2.62 -19.38
C PHE B 219 17.47 3.51 -19.88
N LEU B 220 17.41 4.75 -19.38
CA LEU B 220 16.29 5.67 -19.68
C LEU B 220 16.17 5.91 -21.16
N SER B 221 17.31 6.03 -21.85
CA SER B 221 17.24 6.30 -23.30
C SER B 221 16.60 5.15 -24.07
N LEU B 222 16.60 3.92 -23.59
CA LEU B 222 15.94 2.85 -24.38
C LEU B 222 14.46 3.22 -24.58
N ALA B 223 13.82 3.83 -23.59
CA ALA B 223 12.38 4.18 -23.64
C ALA B 223 12.11 5.37 -24.56
N GLN B 224 13.09 6.13 -25.01
CA GLN B 224 12.83 7.18 -26.02
C GLN B 224 13.34 6.71 -27.38
N LYS B 225 13.97 5.56 -27.48
CA LYS B 225 14.47 4.97 -28.75
C LYS B 225 13.42 4.05 -29.35
N GLY B 226 12.24 3.90 -28.77
CA GLY B 226 11.17 3.14 -29.42
C GLY B 226 11.03 1.74 -28.87
N TYR B 227 11.78 1.41 -27.83
CA TYR B 227 11.81 0.01 -27.32
C TYR B 227 10.76 -0.21 -26.22
N VAL B 228 10.20 0.86 -25.62
CA VAL B 228 9.30 0.79 -24.46
C VAL B 228 8.02 1.54 -24.82
N PRO B 229 6.83 0.95 -24.63
CA PRO B 229 5.59 1.63 -24.95
C PRO B 229 5.37 2.85 -24.07
N ALA B 230 4.73 3.86 -24.61
CA ALA B 230 4.33 5.04 -23.83
C ALA B 230 3.53 4.62 -22.61
N GLU B 231 2.61 3.68 -22.79
CA GLU B 231 1.66 3.31 -21.73
C GLU B 231 2.48 2.72 -20.57
N SER B 232 3.58 2.05 -20.86
CA SER B 232 4.39 1.42 -19.76
C SER B 232 4.81 2.47 -18.77
N LEU B 233 5.14 3.67 -19.22
CA LEU B 233 5.68 4.75 -18.36
C LEU B 233 4.61 5.27 -17.41
N GLU B 234 3.33 4.92 -17.62
CA GLU B 234 2.21 5.39 -16.77
CA GLU B 234 2.20 5.39 -16.78
C GLU B 234 1.96 4.38 -15.66
N LYS B 235 2.59 3.22 -15.75
CA LYS B 235 2.15 2.03 -14.97
C LYS B 235 3.13 1.60 -13.88
N ASN B 236 2.63 0.85 -12.90
CA ASN B 236 3.51 0.28 -11.85
C ASN B 236 3.95 -1.13 -12.26
N THR B 237 4.84 -1.78 -11.50
CA THR B 237 5.38 -3.08 -11.84
C THR B 237 4.27 -4.15 -11.93
N ALA B 238 3.28 -4.12 -11.05
CA ALA B 238 2.19 -5.11 -11.08
C ALA B 238 1.38 -4.98 -12.37
N GLN B 239 1.16 -3.75 -12.84
CA GLN B 239 0.44 -3.54 -14.10
C GLN B 239 1.32 -3.97 -15.31
N ILE B 240 2.63 -3.81 -15.23
CA ILE B 240 3.56 -4.30 -16.32
C ILE B 240 3.53 -5.85 -16.29
N GLU B 241 3.47 -6.46 -15.11
CA GLU B 241 3.35 -7.94 -15.03
C GLU B 241 2.06 -8.39 -15.75
N ALA B 242 0.95 -7.68 -15.59
CA ALA B 242 -0.33 -8.03 -16.26
C ALA B 242 -0.14 -7.90 -17.78
N ASP B 243 0.53 -6.84 -18.22
CA ASP B 243 0.77 -6.64 -19.68
C ASP B 243 1.64 -7.79 -20.23
N PHE B 244 2.66 -8.24 -19.48
CA PHE B 244 3.49 -9.39 -19.91
C PHE B 244 2.61 -10.64 -20.03
N GLN B 245 1.80 -10.86 -19.02
CA GLN B 245 0.88 -12.02 -18.95
C GLN B 245 -0.04 -11.98 -20.16
N ALA B 246 -0.45 -10.78 -20.62
CA ALA B 246 -1.45 -10.57 -21.67
C ALA B 246 -0.82 -10.69 -23.06
N GLY B 247 0.48 -10.82 -23.13
CA GLY B 247 1.21 -11.06 -24.40
C GLY B 247 1.72 -9.79 -25.03
N LYS B 248 1.77 -8.69 -24.30
CA LYS B 248 2.12 -7.37 -24.88
C LYS B 248 3.61 -7.02 -24.86
N CYS B 249 4.47 -7.81 -24.23
CA CYS B 249 5.83 -7.40 -23.81
C CYS B 249 6.74 -8.59 -24.12
N ALA B 250 7.87 -8.41 -24.81
CA ALA B 250 8.83 -9.54 -24.98
C ALA B 250 9.77 -9.73 -23.78
N VAL B 251 10.06 -8.66 -23.04
CA VAL B 251 11.09 -8.63 -21.99
C VAL B 251 10.57 -7.73 -20.90
N PHE B 252 10.65 -8.16 -19.64
CA PHE B 252 10.37 -7.25 -18.51
C PHE B 252 10.99 -7.86 -17.27
N ALA B 253 11.40 -7.01 -16.34
CA ALA B 253 12.09 -7.41 -15.11
C ALA B 253 11.08 -7.56 -13.95
N SER B 254 11.22 -8.65 -13.22
CA SER B 254 10.43 -8.82 -11.97
C SER B 254 11.11 -9.85 -11.09
N GLY B 255 10.40 -10.16 -9.99
CA GLY B 255 10.90 -11.13 -9.02
C GLY B 255 10.50 -12.56 -9.34
N PRO B 256 10.88 -13.53 -8.50
CA PRO B 256 10.63 -14.95 -8.71
C PRO B 256 9.17 -15.41 -8.69
N TRP B 257 8.27 -14.55 -8.18
CA TRP B 257 6.86 -14.90 -7.94
C TRP B 257 6.15 -15.18 -9.25
N MET B 258 6.69 -14.68 -10.36
CA MET B 258 6.03 -14.84 -11.66
C MET B 258 6.08 -16.31 -12.04
N ILE B 259 7.11 -17.05 -11.61
CA ILE B 259 7.31 -18.47 -12.00
C ILE B 259 6.16 -19.28 -11.42
N GLN B 260 5.80 -19.06 -10.16
CA GLN B 260 4.63 -19.76 -9.58
C GLN B 260 3.32 -19.34 -10.25
N ARG B 261 3.19 -18.06 -10.56
CA ARG B 261 1.97 -17.51 -11.18
C ARG B 261 1.78 -18.22 -12.52
N ALA B 262 2.86 -18.50 -13.26
CA ALA B 262 2.79 -19.11 -14.60
C ALA B 262 2.35 -20.57 -14.51
N GLN B 263 2.43 -21.20 -13.35
CA GLN B 263 2.02 -22.62 -13.16
C GLN B 263 0.57 -22.74 -12.69
N VAL B 264 -0.04 -21.66 -12.28
CA VAL B 264 -1.40 -21.67 -11.66
C VAL B 264 -2.37 -21.31 -12.76
N PRO B 265 -3.43 -22.14 -12.96
CA PRO B 265 -4.51 -21.78 -13.88
C PRO B 265 -5.04 -20.37 -13.60
N GLU B 266 -5.43 -19.67 -14.65
CA GLU B 266 -6.12 -18.36 -14.59
C GLU B 266 -7.35 -18.38 -13.68
N ALA B 267 -8.07 -19.51 -13.68
CA ALA B 267 -9.23 -19.74 -12.78
C ALA B 267 -8.79 -19.64 -11.30
N LYS B 268 -7.53 -19.96 -10.95
CA LYS B 268 -7.03 -19.91 -9.56
C LYS B 268 -6.08 -18.71 -9.36
N GLY B 269 -6.13 -17.71 -10.24
CA GLY B 269 -5.40 -16.43 -10.07
C GLY B 269 -4.01 -16.45 -10.71
N GLY B 270 -3.64 -17.51 -11.42
CA GLY B 270 -2.39 -17.56 -12.19
C GLY B 270 -2.58 -17.15 -13.64
N PHE B 271 -1.61 -17.48 -14.50
CA PHE B 271 -1.70 -17.19 -15.96
C PHE B 271 -1.26 -18.40 -16.78
N ALA B 272 -1.45 -19.63 -16.28
CA ALA B 272 -0.89 -20.86 -16.88
C ALA B 272 -1.37 -21.04 -18.33
N GLU B 273 -2.58 -20.57 -18.67
CA GLU B 273 -3.15 -20.81 -20.02
C GLU B 273 -2.62 -19.78 -21.01
N ARG B 274 -1.96 -18.72 -20.57
CA ARG B 274 -1.51 -17.63 -21.48
C ARG B 274 -0.26 -18.05 -22.26
N THR B 275 -0.11 -17.62 -23.49
CA THR B 275 1.11 -17.90 -24.30
C THR B 275 2.36 -17.56 -23.50
N ALA B 276 2.31 -16.44 -22.77
CA ALA B 276 3.50 -16.00 -22.01
C ALA B 276 3.92 -17.09 -21.02
N ALA B 277 2.99 -17.73 -20.29
CA ALA B 277 3.31 -18.80 -19.35
C ALA B 277 3.95 -19.99 -20.06
N LYS B 278 3.49 -20.33 -21.24
CA LYS B 278 3.95 -21.52 -22.01
C LYS B 278 5.33 -21.25 -22.65
N ASN B 279 5.75 -20.00 -22.72
CA ASN B 279 6.97 -19.58 -23.46
C ASN B 279 7.79 -18.70 -22.53
N LEU B 280 7.97 -19.14 -21.29
CA LEU B 280 8.58 -18.28 -20.25
C LEU B 280 10.07 -18.58 -20.08
N GLY B 281 10.88 -17.53 -20.23
CA GLY B 281 12.34 -17.61 -19.98
C GLY B 281 12.68 -16.59 -18.92
N VAL B 282 13.87 -16.79 -18.32
CA VAL B 282 14.45 -15.87 -17.31
C VAL B 282 15.95 -15.73 -17.60
N ALA B 283 16.50 -14.53 -17.48
CA ALA B 283 17.95 -14.28 -17.52
C ALA B 283 18.28 -13.20 -16.50
N PRO B 284 19.50 -13.18 -15.95
CA PRO B 284 19.96 -12.06 -15.16
C PRO B 284 20.07 -10.74 -15.95
N TYR B 285 20.04 -9.64 -15.23
CA TYR B 285 20.40 -8.32 -15.79
C TYR B 285 21.75 -8.41 -16.48
N PRO B 286 21.96 -7.65 -17.56
CA PRO B 286 23.24 -7.68 -18.27
C PRO B 286 24.34 -6.96 -17.49
N ALA B 287 25.59 -7.34 -17.77
CA ALA B 287 26.78 -6.60 -17.28
C ALA B 287 26.87 -5.30 -18.00
N GLY B 288 27.14 -4.25 -17.26
CA GLY B 288 27.60 -2.98 -17.85
C GLY B 288 29.11 -3.05 -17.97
N PRO B 289 29.74 -1.90 -18.33
CA PRO B 289 31.19 -1.86 -18.46
C PRO B 289 31.99 -2.23 -17.22
N LYS B 290 31.38 -2.10 -16.02
CA LYS B 290 32.03 -2.35 -14.74
C LYS B 290 31.33 -3.47 -13.97
N GLY B 291 30.56 -4.33 -14.64
CA GLY B 291 30.10 -5.57 -14.05
C GLY B 291 28.61 -5.78 -14.14
N ARG B 292 28.19 -6.99 -13.78
CA ARG B 292 26.81 -7.45 -13.66
C ARG B 292 26.39 -7.37 -12.20
N TYR B 293 25.22 -6.77 -12.00
CA TYR B 293 24.62 -6.58 -10.68
C TYR B 293 23.15 -6.88 -10.71
N THR B 294 22.75 -7.56 -9.67
CA THR B 294 21.35 -7.94 -9.40
C THR B 294 20.87 -7.19 -8.17
N PHE B 295 19.78 -6.43 -8.32
CA PHE B 295 19.17 -5.73 -7.18
C PHE B 295 18.61 -6.77 -6.18
N PHE B 296 18.91 -6.53 -4.91
CA PHE B 296 18.36 -7.27 -3.77
C PHE B 296 17.62 -6.30 -2.85
N GLY B 297 16.46 -6.79 -2.44
CA GLY B 297 15.64 -6.19 -1.39
C GLY B 297 15.01 -7.30 -0.58
N GLY B 298 13.79 -7.06 -0.16
CA GLY B 298 12.98 -8.02 0.59
C GLY B 298 12.85 -7.53 2.02
N SER B 299 12.64 -8.48 2.93
CA SER B 299 12.30 -8.15 4.33
C SER B 299 13.15 -8.96 5.30
N ASN B 300 13.34 -8.33 6.45
CA ASN B 300 14.00 -8.91 7.63
C ASN B 300 12.99 -8.86 8.79
N LEU B 301 13.43 -9.38 9.92
CA LEU B 301 12.65 -9.38 11.19
C LEU B 301 13.52 -8.77 12.26
N ALA B 302 12.91 -8.01 13.14
CA ALA B 302 13.64 -7.30 14.22
C ALA B 302 12.83 -7.48 15.50
N LEU B 303 13.53 -7.36 16.62
CA LEU B 303 13.02 -7.57 17.98
C LEU B 303 13.11 -6.21 18.71
N PHE B 304 11.98 -5.72 19.22
CA PHE B 304 12.02 -4.47 20.03
C PHE B 304 12.75 -4.70 21.34
N ASN B 305 13.63 -3.77 21.77
CA ASN B 305 14.39 -3.97 23.01
C ASN B 305 13.50 -3.77 24.24
N PHE B 306 12.24 -3.38 24.10
CA PHE B 306 11.31 -3.31 25.28
C PHE B 306 10.47 -4.60 25.37
N SER B 307 10.64 -5.55 24.45
CA SER B 307 9.93 -6.85 24.55
C SER B 307 10.16 -7.52 25.90
N LYS B 308 9.07 -8.03 26.49
CA LYS B 308 9.16 -8.83 27.72
C LYS B 308 9.38 -10.30 27.42
N ASN B 309 9.56 -10.65 26.15
CA ASN B 309 9.63 -12.08 25.76
C ASN B 309 10.87 -12.26 24.86
N LYS B 310 12.02 -11.66 25.14
CA LYS B 310 13.17 -11.69 24.21
C LYS B 310 13.69 -13.10 24.00
N PRO B 311 13.88 -13.95 25.04
CA PRO B 311 14.33 -15.32 24.84
C PRO B 311 13.46 -16.12 23.86
N LEU B 312 12.16 -16.14 24.08
CA LEU B 312 11.25 -16.91 23.20
C LEU B 312 11.18 -16.23 21.82
N ALA B 313 11.24 -14.93 21.77
CA ALA B 313 11.18 -14.16 20.50
C ALA B 313 12.42 -14.53 19.67
N LYS B 314 13.58 -14.65 20.32
CA LYS B 314 14.85 -15.02 19.62
C LYS B 314 14.69 -16.44 19.12
N GLU B 315 14.04 -17.33 19.86
CA GLU B 315 13.79 -18.70 19.38
C GLU B 315 12.88 -18.64 18.14
N LEU B 316 11.86 -17.76 18.11
CA LEU B 316 11.03 -17.62 16.89
C LEU B 316 11.92 -17.11 15.75
N LEU B 317 12.81 -16.15 15.98
CA LEU B 317 13.69 -15.65 14.91
C LEU B 317 14.51 -16.79 14.32
N LYS B 318 15.12 -17.60 15.18
CA LYS B 318 15.89 -18.77 14.75
C LYS B 318 15.02 -19.69 13.90
N TYR B 319 13.77 -19.91 14.28
CA TYR B 319 12.86 -20.81 13.55
C TYR B 319 12.56 -20.17 12.17
N LEU B 320 12.11 -18.91 12.16
CA LEU B 320 11.74 -18.26 10.87
C LEU B 320 12.95 -18.04 9.96
N GLY B 321 14.14 -17.89 10.50
CA GLY B 321 15.40 -17.70 9.78
C GLY B 321 16.00 -19.00 9.29
N GLY B 322 15.50 -20.12 9.75
CA GLY B 322 16.12 -21.43 9.56
C GLY B 322 15.59 -22.27 8.40
N PRO B 323 16.27 -23.39 8.08
CA PRO B 323 16.01 -24.13 6.84
C PRO B 323 14.58 -24.47 6.42
N GLU B 324 13.79 -25.09 7.32
CA GLU B 324 12.48 -25.54 6.83
C GLU B 324 11.55 -24.36 6.66
N ALA B 325 11.52 -23.40 7.61
CA ALA B 325 10.64 -22.23 7.52
C ALA B 325 11.07 -21.34 6.38
N GLN B 326 12.36 -21.28 6.07
CA GLN B 326 12.90 -20.52 4.94
C GLN B 326 12.30 -21.04 3.65
N VAL B 327 12.29 -22.35 3.45
CA VAL B 327 11.76 -22.91 2.17
C VAL B 327 10.25 -22.63 2.13
N ARG B 328 9.57 -22.86 3.26
CA ARG B 328 8.09 -22.81 3.26
C ARG B 328 7.67 -21.39 2.98
N TYR B 329 8.28 -20.42 3.64
CA TYR B 329 7.84 -19.02 3.45
C TYR B 329 8.32 -18.44 2.13
N ALA B 330 9.51 -18.84 1.64
CA ALA B 330 9.91 -18.41 0.27
C ALA B 330 8.85 -18.91 -0.73
N GLN B 331 8.34 -20.13 -0.61
CA GLN B 331 7.30 -20.63 -1.55
C GLN B 331 5.98 -19.88 -1.36
N MET B 332 5.55 -19.60 -0.12
CA MET B 332 4.31 -18.82 0.14
C MET B 332 4.39 -17.45 -0.54
N THR B 333 5.56 -16.79 -0.49
CA THR B 333 5.75 -15.39 -0.88
C THR B 333 6.17 -15.31 -2.35
N GLY B 334 6.60 -16.43 -2.94
CA GLY B 334 7.24 -16.38 -4.26
C GLY B 334 8.52 -15.53 -4.27
N MET B 335 9.27 -15.56 -3.16
CA MET B 335 10.57 -14.90 -2.98
C MET B 335 11.71 -15.92 -2.99
N LEU B 336 12.94 -15.45 -2.91
CA LEU B 336 14.10 -16.35 -2.74
C LEU B 336 14.40 -16.43 -1.25
N PRO B 337 14.69 -17.63 -0.68
CA PRO B 337 15.06 -17.67 0.72
C PRO B 337 16.23 -16.72 0.98
N ALA B 338 16.20 -16.08 2.17
CA ALA B 338 17.34 -15.30 2.64
C ALA B 338 18.52 -16.22 3.04
N LEU B 339 18.22 -17.45 3.51
CA LEU B 339 19.25 -18.43 3.93
C LEU B 339 19.77 -19.20 2.71
N ARG B 340 21.01 -19.02 2.37
CA ARG B 340 21.54 -19.56 1.08
C ARG B 340 21.39 -21.09 1.00
N SER B 341 21.48 -21.79 2.13
CA SER B 341 21.35 -23.27 2.16
C SER B 341 19.97 -23.69 1.66
N ALA B 342 18.94 -22.91 1.91
CA ALA B 342 17.57 -23.21 1.45
C ALA B 342 17.43 -23.22 -0.07
N TRP B 343 18.38 -22.60 -0.81
CA TRP B 343 18.31 -22.63 -2.28
C TRP B 343 18.51 -24.07 -2.77
N SER B 344 19.06 -24.96 -1.95
CA SER B 344 19.37 -26.36 -2.33
C SER B 344 18.12 -27.23 -2.20
N ASP B 345 17.05 -26.67 -1.63
CA ASP B 345 15.78 -27.44 -1.47
C ASP B 345 15.27 -27.83 -2.86
N PRO B 346 14.67 -29.04 -3.05
CA PRO B 346 14.16 -29.42 -4.37
C PRO B 346 13.09 -28.47 -4.92
N SER B 347 12.37 -27.79 -4.04
CA SER B 347 11.31 -26.87 -4.56
C SER B 347 11.96 -25.71 -5.31
N PHE B 348 13.23 -25.40 -5.09
CA PHE B 348 13.99 -24.41 -5.91
C PHE B 348 14.71 -25.13 -7.06
N GLN B 349 15.44 -26.19 -6.71
CA GLN B 349 16.37 -26.87 -7.63
C GLN B 349 15.65 -27.59 -8.74
N GLN B 350 14.45 -28.11 -8.54
CA GLN B 350 13.73 -28.91 -9.56
C GLN B 350 13.23 -27.96 -10.68
N ASN B 351 13.33 -26.65 -10.47
CA ASN B 351 12.72 -25.66 -11.40
C ASN B 351 13.83 -24.88 -12.11
N PRO B 352 14.05 -25.09 -13.42
CA PRO B 352 15.08 -24.39 -14.17
C PRO B 352 15.01 -22.87 -14.07
N LEU B 353 13.79 -22.32 -14.05
CA LEU B 353 13.63 -20.83 -13.97
C LEU B 353 14.06 -20.34 -12.59
N LEU B 354 13.73 -21.07 -11.52
CA LEU B 354 14.23 -20.68 -10.19
C LEU B 354 15.75 -20.87 -10.12
N ARG B 355 16.33 -21.91 -10.74
CA ARG B 355 17.81 -22.05 -10.80
C ARG B 355 18.41 -20.80 -11.48
N THR B 356 17.74 -20.22 -12.49
CA THR B 356 18.27 -19.00 -13.13
C THR B 356 18.27 -17.83 -12.13
N PHE B 357 17.27 -17.73 -11.25
CA PHE B 357 17.28 -16.73 -10.16
C PHE B 357 18.47 -16.97 -9.26
N ILE B 358 18.77 -18.25 -9.00
CA ILE B 358 19.96 -18.57 -8.16
C ILE B 358 21.25 -18.05 -8.86
N GLN B 359 21.36 -18.23 -10.17
CA GLN B 359 22.46 -17.69 -10.99
C GLN B 359 22.51 -16.14 -10.84
N ALA B 360 21.35 -15.49 -10.94
CA ALA B 360 21.27 -14.01 -10.86
C ALA B 360 21.67 -13.54 -9.47
N ALA B 361 21.34 -14.35 -8.47
CA ALA B 361 21.70 -14.05 -7.05
C ALA B 361 23.20 -13.92 -6.88
N GLN B 362 24.05 -14.54 -7.73
CA GLN B 362 25.52 -14.51 -7.51
CA GLN B 362 25.53 -14.52 -7.54
C GLN B 362 26.03 -13.08 -7.69
N PHE B 363 25.25 -12.24 -8.36
CA PHE B 363 25.59 -10.84 -8.68
C PHE B 363 24.86 -9.87 -7.72
N GLY B 364 24.32 -10.40 -6.61
CA GLY B 364 23.46 -9.63 -5.72
C GLY B 364 24.16 -8.40 -5.17
N ARG B 365 23.46 -7.28 -5.13
CA ARG B 365 23.93 -6.03 -4.51
C ARG B 365 22.77 -5.25 -3.96
N THR B 366 22.98 -4.56 -2.85
CA THR B 366 21.88 -3.79 -2.25
C THR B 366 22.44 -2.43 -1.86
N TYR B 367 21.57 -1.57 -1.42
CA TYR B 367 21.94 -0.22 -0.96
C TYR B 367 22.66 -0.33 0.36
N PRO B 368 23.56 0.61 0.67
CA PRO B 368 24.10 0.74 2.01
C PRO B 368 22.95 1.00 2.99
N SER B 369 23.09 0.44 4.20
CA SER B 369 22.01 0.41 5.22
CA SER B 369 22.00 0.42 5.20
C SER B 369 22.01 1.70 6.03
N LEU B 370 21.75 2.82 5.40
CA LEU B 370 21.86 4.14 6.06
C LEU B 370 20.63 4.50 6.89
N ALA B 371 20.87 5.23 7.98
CA ALA B 371 19.79 5.76 8.83
C ALA B 371 18.88 6.67 8.01
N GLY B 372 19.45 7.41 7.06
CA GLY B 372 18.67 8.42 6.33
C GLY B 372 18.20 7.92 4.98
N TRP B 373 18.25 6.63 4.74
CA TRP B 373 18.00 6.02 3.42
C TRP B 373 16.65 6.47 2.84
N GLY B 374 15.58 6.53 3.65
CA GLY B 374 14.29 6.89 3.05
C GLY B 374 14.32 8.22 2.32
N GLY B 375 14.97 9.21 2.89
CA GLY B 375 15.10 10.55 2.31
C GLY B 375 15.96 10.50 1.06
N VAL B 376 17.03 9.72 1.11
CA VAL B 376 17.91 9.54 -0.06
C VAL B 376 17.08 9.00 -1.22
N GLU B 377 16.44 7.87 -0.97
CA GLU B 377 15.69 7.18 -2.06
C GLU B 377 14.61 8.14 -2.56
N ASN B 378 13.84 8.75 -1.64
CA ASN B 378 12.66 9.54 -2.05
C ASN B 378 13.15 10.69 -2.93
N LEU B 379 14.23 11.36 -2.55
CA LEU B 379 14.77 12.51 -3.34
C LEU B 379 15.36 12.01 -4.64
N ALA B 380 16.02 10.88 -4.66
CA ALA B 380 16.53 10.29 -5.91
C ALA B 380 15.32 10.10 -6.84
N VAL B 381 14.25 9.54 -6.34
CA VAL B 381 13.10 9.12 -7.19
C VAL B 381 12.37 10.35 -7.72
N GLN B 382 12.28 11.45 -6.95
CA GLN B 382 11.66 12.72 -7.45
C GLN B 382 12.40 13.12 -8.73
N HIS B 383 13.72 13.09 -8.67
CA HIS B 383 14.56 13.60 -9.78
C HIS B 383 14.57 12.61 -10.95
N LEU B 384 14.58 11.30 -10.68
CA LEU B 384 14.41 10.25 -11.71
C LEU B 384 13.07 10.46 -12.40
N GLY B 385 12.04 10.84 -11.66
CA GLY B 385 10.69 11.08 -12.21
C GLY B 385 10.76 12.16 -13.25
N MET B 386 11.48 13.23 -12.94
CA MET B 386 11.60 14.34 -13.90
C MET B 386 12.34 13.83 -15.15
N ALA B 387 13.31 12.94 -15.00
CA ALA B 387 14.07 12.39 -16.16
C ALA B 387 13.11 11.54 -16.99
N TRP B 388 12.31 10.67 -16.38
CA TRP B 388 11.31 9.85 -17.10
C TRP B 388 10.33 10.77 -17.84
N ASP B 389 9.97 11.91 -17.29
CA ASP B 389 9.07 12.89 -17.98
C ASP B 389 9.75 13.38 -19.27
N LEU B 390 11.07 13.60 -19.28
CA LEU B 390 11.74 14.04 -20.52
C LEU B 390 11.74 12.87 -21.49
N VAL B 391 12.03 11.65 -20.98
CA VAL B 391 12.02 10.43 -21.82
C VAL B 391 10.67 10.31 -22.55
N ALA B 392 9.57 10.51 -21.87
CA ALA B 392 8.22 10.34 -22.41
C ALA B 392 7.96 11.30 -23.57
N GLN B 393 8.74 12.39 -23.68
CA GLN B 393 8.66 13.42 -24.74
C GLN B 393 9.80 13.24 -25.73
N GLY B 394 10.71 12.28 -25.57
CA GLY B 394 11.93 12.16 -26.39
C GLY B 394 12.93 13.27 -26.17
N ARG B 395 12.94 13.90 -25.02
CA ARG B 395 13.75 15.09 -24.75
C ARG B 395 14.82 14.85 -23.68
N LEU B 396 15.06 13.59 -23.27
CA LEU B 396 16.20 13.36 -22.35
C LEU B 396 17.53 13.49 -23.10
N THR B 397 18.31 14.50 -22.78
CA THR B 397 19.70 14.58 -23.26
C THR B 397 20.62 14.24 -22.09
N ARG B 398 21.86 13.92 -22.38
CA ARG B 398 22.86 13.71 -21.30
C ARG B 398 22.93 14.97 -20.44
N GLU B 399 22.92 16.16 -21.04
CA GLU B 399 23.05 17.41 -20.23
C GLU B 399 21.83 17.59 -19.34
N ALA B 400 20.63 17.30 -19.83
CA ALA B 400 19.41 17.48 -19.02
C ALA B 400 19.47 16.49 -17.84
N LEU B 401 19.94 15.28 -18.09
CA LEU B 401 20.03 14.24 -17.04
C LEU B 401 21.03 14.71 -15.99
N LYS B 402 22.19 15.22 -16.46
CA LYS B 402 23.25 15.70 -15.51
C LYS B 402 22.64 16.80 -14.65
N ASP B 403 21.89 17.74 -15.20
CA ASP B 403 21.33 18.88 -14.43
C ASP B 403 20.34 18.35 -13.41
N LEU B 404 19.49 17.36 -13.78
CA LEU B 404 18.57 16.78 -12.78
C LEU B 404 19.36 15.99 -11.71
N MET B 405 20.42 15.29 -12.05
CA MET B 405 21.13 14.46 -11.02
C MET B 405 21.98 15.40 -10.14
N ASP B 406 22.40 16.53 -10.66
CA ASP B 406 23.04 17.59 -9.81
C ASP B 406 22.03 18.10 -8.76
N LYS B 407 20.81 18.41 -9.17
CA LYS B 407 19.75 18.89 -8.27
C LYS B 407 19.47 17.79 -7.25
N ALA B 408 19.36 16.54 -7.69
CA ALA B 408 19.09 15.41 -6.79
C ALA B 408 20.19 15.39 -5.71
N SER B 409 21.43 15.53 -6.16
CA SER B 409 22.65 15.39 -5.31
C SER B 409 22.65 16.48 -4.23
N ALA B 410 22.35 17.71 -4.60
CA ALA B 410 22.31 18.84 -3.66
C ALA B 410 21.24 18.58 -2.60
N ALA B 411 20.08 18.03 -2.98
CA ALA B 411 18.96 17.78 -2.03
C ALA B 411 19.36 16.62 -1.09
N ILE B 412 19.90 15.57 -1.65
CA ILE B 412 20.32 14.33 -0.94
C ILE B 412 21.39 14.69 0.08
N ASN B 413 22.37 15.44 -0.38
CA ASN B 413 23.52 15.76 0.53
C ASN B 413 23.02 16.64 1.68
N GLN B 414 22.06 17.52 1.44
CA GLN B 414 21.42 18.33 2.50
C GLN B 414 20.73 17.41 3.49
N ALA B 415 19.97 16.42 3.01
CA ALA B 415 19.21 15.46 3.84
C ALA B 415 20.20 14.63 4.69
N LEU B 416 21.35 14.23 4.11
CA LEU B 416 22.31 13.30 4.75
C LEU B 416 23.02 14.05 5.89
N ARG B 417 23.08 15.38 5.79
CA ARG B 417 23.69 16.24 6.81
C ARG B 417 22.71 16.51 7.94
#